data_7CBB
#
_entry.id   7CBB
#
_cell.length_a   140.810
_cell.length_b   151.319
_cell.length_c   197.080
_cell.angle_alpha   90.00
_cell.angle_beta   90.00
_cell.angle_gamma   90.00
#
_symmetry.space_group_name_H-M   'I 2 2 2'
#
loop_
_entity.id
_entity.type
_entity.pdbx_description
1 polymer 'IucA/IucC family siderophore biosynthesis protein'
2 non-polymer 'ADENOSINE MONOPHOSPHATE'
3 water water
#
_entity_poly.entity_id   1
_entity_poly.type   'polypeptide(L)'
_entity_poly.pdbx_seq_one_letter_code
;(MSE)QNHTAVNTAQAIILRDLVDALLFEDIAGIVSNSEITKENGQTLLIYERETQQIKIPVYFSALN(MSE)FRYESSQ
PITIEGRVSKQPLTAAEFWQTIAN(MSE)NCDLSHEWEVARVEEGLTTAATQLAKQLSELDLASHPFV(MSE)SEQFASL
KDRPFHPLAKEKRGLREADYQVYQAELNQSFPL(MSE)VAAVKKTH(MSE)IHGDTANIDELENLTVPIKEQATD(MSE)
LNDQGLSIDDYVLFPVHPWQYQHILPNVFATEISEKLVVLLPLKFGDYLSSSS(MSE)RSLIDIGAPYNHVKVPFA
(MSE)QSLGALRLTPTRY(MSE)KNGEQAEQLLRQLIEKDEALAKYV(MSE)VCDETAWWSY(MSE)GQDNDIFKDQLGH
LTVQLRKYPEVLAKNDTQQLVS(MSE)AALAANDRTLYQ(MSE)ICGKDNISKNDV(MSE)TLFEDIAQVFLKVTLSF
(MSE)QYGALPELHGQNILLSFEDGRVQKCVLRDHDTVRIYKPWLTAHQLSLPKYVVREDTPNTLINEDLETFFAYFQTL
AVSVNLYAIIDAIQDLFGVSEHEL(MSE)SLLKQILKNEVATISWVTTDQLAVRHILFDKQTWPFKQILLPLLYQRDSGG
GS(MSE)PSGLTTVPNP(MSE)VTYDHHHHHH
;
_entity_poly.pdbx_strand_id   A,B
#
# COMPACT_ATOMS: atom_id res chain seq x y z
N GLN A 2 -36.17 32.91 -6.16
CA GLN A 2 -35.21 31.79 -6.36
C GLN A 2 -35.35 31.24 -7.79
N ASN A 3 -34.25 31.12 -8.53
CA ASN A 3 -34.21 30.60 -9.92
C ASN A 3 -34.31 29.07 -9.88
N HIS A 4 -35.49 28.53 -10.17
CA HIS A 4 -35.82 27.08 -10.03
C HIS A 4 -35.22 26.27 -11.18
N THR A 5 -35.05 26.88 -12.36
CA THR A 5 -34.36 26.27 -13.53
C THR A 5 -32.90 26.00 -13.16
N ALA A 6 -32.24 26.95 -12.51
CA ALA A 6 -30.80 26.90 -12.13
C ALA A 6 -30.57 25.80 -11.09
N VAL A 7 -31.52 25.62 -10.15
CA VAL A 7 -31.44 24.57 -9.09
C VAL A 7 -31.52 23.18 -9.75
N ASN A 8 -32.48 22.97 -10.64
CA ASN A 8 -32.69 21.67 -11.35
C ASN A 8 -31.51 21.38 -12.27
N THR A 9 -31.00 22.39 -12.99
CA THR A 9 -29.83 22.26 -13.89
C THR A 9 -28.59 21.88 -13.08
N ALA A 10 -28.36 22.57 -11.97
CA ALA A 10 -27.19 22.37 -11.08
C ALA A 10 -27.27 20.99 -10.40
N GLN A 11 -28.46 20.58 -9.98
CA GLN A 11 -28.66 19.27 -9.30
C GLN A 11 -28.29 18.15 -10.26
N ALA A 12 -28.68 18.28 -11.52
CA ALA A 12 -28.46 17.25 -12.57
C ALA A 12 -26.96 17.14 -12.88
N ILE A 13 -26.21 18.25 -12.80
CA ILE A 13 -24.74 18.28 -13.06
C ILE A 13 -24.01 17.51 -11.94
N ILE A 14 -24.39 17.73 -10.67
CA ILE A 14 -23.74 17.09 -9.50
C ILE A 14 -24.07 15.58 -9.52
N LEU A 15 -25.29 15.20 -9.93
CA LEU A 15 -25.69 13.77 -10.06
C LEU A 15 -24.84 13.09 -11.14
N ARG A 16 -24.74 13.71 -12.32
CA ARG A 16 -24.00 13.16 -13.49
C ARG A 16 -22.52 12.95 -13.13
N ASP A 17 -21.90 13.93 -12.47
CA ASP A 17 -20.48 13.89 -12.03
C ASP A 17 -20.32 12.80 -10.94
N LEU A 18 -21.31 12.62 -10.06
CA LEU A 18 -21.24 11.61 -8.97
C LEU A 18 -21.29 10.21 -9.59
N VAL A 19 -22.28 9.93 -10.42
CA VAL A 19 -22.51 8.57 -10.99
C VAL A 19 -21.28 8.18 -11.83
N ASP A 20 -20.80 9.08 -12.69
CA ASP A 20 -19.60 8.86 -13.55
C ASP A 20 -18.36 8.59 -12.67
N ALA A 21 -18.18 9.34 -11.59
CA ALA A 21 -17.02 9.22 -10.68
C ALA A 21 -17.07 7.86 -9.96
N LEU A 22 -18.26 7.41 -9.56
CA LEU A 22 -18.49 6.08 -8.94
C LEU A 22 -18.17 4.99 -9.96
N LEU A 23 -18.55 5.16 -11.24
CA LEU A 23 -18.35 4.14 -12.31
C LEU A 23 -16.87 4.03 -12.66
N PHE A 24 -16.15 5.16 -12.73
CA PHE A 24 -14.71 5.21 -13.14
C PHE A 24 -13.85 4.48 -12.11
N GLU A 25 -14.15 4.63 -10.82
CA GLU A 25 -13.35 4.05 -9.69
C GLU A 25 -13.94 2.71 -9.23
N ASP A 26 -15.10 2.31 -9.77
CA ASP A 26 -15.81 1.05 -9.42
C ASP A 26 -16.07 1.03 -7.91
N ILE A 27 -16.68 2.09 -7.38
CA ILE A 27 -16.94 2.25 -5.91
C ILE A 27 -18.03 1.25 -5.53
N ALA A 28 -17.76 0.41 -4.52
CA ALA A 28 -18.68 -0.62 -3.98
C ALA A 28 -19.10 -1.59 -5.10
N GLY A 29 -18.21 -1.82 -6.07
CA GLY A 29 -18.44 -2.73 -7.22
C GLY A 29 -19.67 -2.36 -8.02
N ILE A 30 -19.90 -1.05 -8.24
CA ILE A 30 -21.09 -0.53 -8.98
C ILE A 30 -21.06 -1.04 -10.43
N VAL A 31 -19.86 -1.28 -10.98
CA VAL A 31 -19.68 -1.86 -12.36
C VAL A 31 -19.42 -3.37 -12.24
N SER A 32 -18.41 -3.78 -11.46
CA SER A 32 -17.87 -5.16 -11.42
C SER A 32 -18.91 -6.16 -10.91
N ASN A 33 -19.80 -5.75 -9.99
CA ASN A 33 -20.81 -6.64 -9.37
C ASN A 33 -22.22 -6.28 -9.85
N SER A 34 -22.34 -5.70 -11.05
CA SER A 34 -23.62 -5.45 -11.76
C SER A 34 -23.64 -6.30 -13.03
N GLU A 35 -24.83 -6.56 -13.59
CA GLU A 35 -24.98 -7.27 -14.89
C GLU A 35 -25.32 -6.24 -15.98
N ILE A 36 -24.65 -6.34 -17.13
CA ILE A 36 -24.99 -5.57 -18.35
C ILE A 36 -26.24 -6.21 -18.97
N THR A 37 -27.33 -5.45 -19.11
CA THR A 37 -28.59 -5.90 -19.77
C THR A 37 -29.04 -4.79 -20.73
N LYS A 38 -30.11 -5.05 -21.48
CA LYS A 38 -30.67 -4.10 -22.48
C LYS A 38 -32.20 -4.17 -22.45
N GLU A 39 -32.85 -3.08 -22.02
CA GLU A 39 -34.33 -2.92 -21.97
C GLU A 39 -34.74 -1.82 -22.97
N ASN A 40 -35.31 -2.22 -24.12
CA ASN A 40 -35.91 -1.33 -25.14
C ASN A 40 -34.82 -0.45 -25.78
N GLY A 41 -33.71 -1.06 -26.18
CA GLY A 41 -32.61 -0.39 -26.90
C GLY A 41 -31.71 0.43 -25.99
N GLN A 42 -31.86 0.30 -24.66
CA GLN A 42 -31.11 1.08 -23.65
C GLN A 42 -30.28 0.12 -22.79
N THR A 43 -28.95 0.26 -22.81
CA THR A 43 -28.00 -0.54 -21.96
C THR A 43 -28.16 -0.11 -20.51
N LEU A 44 -28.23 -1.06 -19.58
CA LEU A 44 -28.46 -0.82 -18.14
C LEU A 44 -27.43 -1.58 -17.29
N LEU A 45 -26.90 -0.93 -16.24
CA LEU A 45 -26.26 -1.62 -15.09
C LEU A 45 -27.36 -1.96 -14.09
N ILE A 46 -27.57 -3.25 -13.80
CA ILE A 46 -28.45 -3.71 -12.68
C ILE A 46 -27.54 -3.91 -11.47
N TYR A 47 -27.58 -2.96 -10.52
CA TYR A 47 -26.82 -3.03 -9.25
C TYR A 47 -27.77 -3.53 -8.16
N GLU A 48 -27.66 -4.80 -7.80
CA GLU A 48 -28.50 -5.46 -6.76
C GLU A 48 -27.61 -5.78 -5.57
N ARG A 49 -28.09 -5.48 -4.36
CA ARG A 49 -27.30 -5.70 -3.12
C ARG A 49 -28.26 -5.65 -1.93
N GLU A 50 -27.96 -6.36 -0.85
CA GLU A 50 -28.84 -6.46 0.34
C GLU A 50 -30.24 -6.85 -0.17
N THR A 51 -31.18 -5.92 -0.30
CA THR A 51 -32.55 -6.23 -0.80
C THR A 51 -33.01 -5.14 -1.76
N GLN A 52 -32.10 -4.27 -2.20
CA GLN A 52 -32.45 -3.10 -3.04
C GLN A 52 -31.93 -3.35 -4.45
N GLN A 53 -32.37 -2.52 -5.40
CA GLN A 53 -31.97 -2.60 -6.83
C GLN A 53 -31.88 -1.19 -7.41
N ILE A 54 -30.84 -0.93 -8.20
CA ILE A 54 -30.69 0.33 -9.00
C ILE A 54 -30.49 -0.06 -10.47
N LYS A 55 -31.21 0.62 -11.36
CA LYS A 55 -31.05 0.51 -12.83
C LYS A 55 -30.43 1.82 -13.33
N ILE A 56 -29.15 1.78 -13.73
CA ILE A 56 -28.41 2.95 -14.27
C ILE A 56 -28.35 2.82 -15.78
N PRO A 57 -28.99 3.73 -16.54
CA PRO A 57 -28.75 3.83 -17.99
C PRO A 57 -27.30 4.22 -18.26
N VAL A 58 -26.58 3.41 -19.04
CA VAL A 58 -25.13 3.64 -19.34
C VAL A 58 -24.87 3.54 -20.84
N TYR A 59 -23.73 4.08 -21.27
CA TYR A 59 -23.14 3.89 -22.62
C TYR A 59 -21.64 3.66 -22.44
N PHE A 60 -21.04 2.87 -23.33
CA PHE A 60 -19.58 2.60 -23.33
C PHE A 60 -18.86 3.83 -23.89
N SER A 61 -18.16 4.56 -23.02
CA SER A 61 -17.55 5.89 -23.32
C SER A 61 -16.25 5.73 -24.10
N ALA A 62 -15.66 6.85 -24.51
CA ALA A 62 -14.39 6.90 -25.29
C ALA A 62 -13.19 6.61 -24.39
N LEU A 63 -13.37 6.55 -23.06
CA LEU A 63 -12.31 6.09 -22.11
C LEU A 63 -12.36 4.56 -21.93
N ASN A 64 -13.18 3.85 -22.73
CA ASN A 64 -13.41 2.37 -22.63
C ASN A 64 -13.92 2.03 -21.23
N PHE A 66 -17.79 2.56 -18.72
CA PHE A 66 -19.21 2.96 -18.72
C PHE A 66 -19.34 4.35 -18.10
N ARG A 67 -20.21 5.16 -18.71
CA ARG A 67 -20.63 6.49 -18.21
C ARG A 67 -22.15 6.53 -18.14
N TYR A 68 -22.69 7.40 -17.28
CA TYR A 68 -24.15 7.63 -17.10
C TYR A 68 -24.71 8.28 -18.37
N GLU A 69 -25.66 7.61 -19.03
CA GLU A 69 -26.50 8.20 -20.09
C GLU A 69 -27.44 9.22 -19.44
N SER A 70 -26.99 10.48 -19.34
CA SER A 70 -27.59 11.53 -18.47
C SER A 70 -28.97 11.97 -18.96
N SER A 71 -29.30 11.73 -20.24
CA SER A 71 -30.63 12.01 -20.83
C SER A 71 -31.71 11.12 -20.20
N GLN A 72 -31.36 9.89 -19.78
CA GLN A 72 -32.30 8.88 -19.24
C GLN A 72 -32.26 8.91 -17.71
N PRO A 73 -33.38 8.60 -17.03
CA PRO A 73 -33.43 8.59 -15.56
C PRO A 73 -32.97 7.26 -14.95
N ILE A 74 -32.38 7.35 -13.75
CA ILE A 74 -31.99 6.17 -12.91
C ILE A 74 -33.24 5.69 -12.18
N THR A 75 -33.46 4.37 -12.15
CA THR A 75 -34.62 3.71 -11.50
C THR A 75 -34.13 2.98 -10.24
N ILE A 76 -34.51 3.48 -9.06
CA ILE A 76 -34.32 2.79 -7.76
C ILE A 76 -35.63 2.05 -7.46
N GLU A 77 -35.56 0.74 -7.20
CA GLU A 77 -36.73 -0.11 -6.87
C GLU A 77 -37.31 0.35 -5.52
N GLY A 78 -38.59 0.73 -5.51
CA GLY A 78 -39.31 1.16 -4.30
C GLY A 78 -39.51 2.68 -4.25
N ARG A 79 -38.68 3.45 -4.96
CA ARG A 79 -38.77 4.94 -5.02
C ARG A 79 -40.01 5.31 -5.84
N VAL A 80 -41.00 5.95 -5.20
CA VAL A 80 -42.30 6.30 -5.84
C VAL A 80 -42.26 7.77 -6.30
N SER A 81 -41.24 8.52 -5.91
CA SER A 81 -41.10 9.97 -6.23
C SER A 81 -40.93 10.17 -7.73
N LYS A 82 -41.72 11.07 -8.32
CA LYS A 82 -41.69 11.41 -9.76
C LYS A 82 -40.68 12.53 -10.02
N GLN A 83 -40.14 13.15 -8.95
CA GLN A 83 -39.20 14.30 -9.05
C GLN A 83 -37.82 13.78 -9.45
N PRO A 84 -36.94 14.63 -10.03
CA PRO A 84 -35.59 14.23 -10.38
C PRO A 84 -34.75 13.77 -9.18
N LEU A 85 -33.94 12.73 -9.36
CA LEU A 85 -32.95 12.26 -8.35
C LEU A 85 -31.93 13.37 -8.07
N THR A 86 -31.69 13.66 -6.80
CA THR A 86 -30.54 14.49 -6.35
C THR A 86 -29.32 13.58 -6.21
N ALA A 87 -28.11 14.16 -6.25
CA ALA A 87 -26.83 13.44 -6.05
C ALA A 87 -26.76 12.88 -4.62
N ALA A 88 -27.25 13.66 -3.64
CA ALA A 88 -27.26 13.30 -2.20
C ALA A 88 -28.13 12.06 -1.96
N GLU A 89 -29.27 11.97 -2.64
CA GLU A 89 -30.22 10.83 -2.52
C GLU A 89 -29.59 9.56 -3.11
N PHE A 90 -28.98 9.66 -4.30
CA PHE A 90 -28.33 8.51 -4.99
C PHE A 90 -27.16 8.01 -4.15
N TRP A 91 -26.37 8.93 -3.59
CA TRP A 91 -25.22 8.62 -2.69
C TRP A 91 -25.72 7.88 -1.46
N GLN A 92 -26.79 8.39 -0.83
CA GLN A 92 -27.40 7.81 0.40
C GLN A 92 -27.90 6.39 0.08
N THR A 93 -28.50 6.19 -1.10
CA THR A 93 -29.01 4.87 -1.56
C THR A 93 -27.85 3.88 -1.69
N ILE A 94 -26.73 4.31 -2.29
CA ILE A 94 -25.50 3.48 -2.51
C ILE A 94 -24.90 3.13 -1.14
N ALA A 95 -24.83 4.09 -0.21
CA ALA A 95 -24.26 3.92 1.15
C ALA A 95 -25.11 2.93 1.96
N ASN A 96 -26.44 2.99 1.85
CA ASN A 96 -27.39 2.13 2.62
C ASN A 96 -27.38 0.71 2.05
N ASN A 98 -24.60 -0.76 1.18
CA ASN A 98 -23.25 -1.30 1.50
C ASN A 98 -22.94 -1.00 2.97
N CYS A 99 -23.78 -1.48 3.89
CA CYS A 99 -23.70 -1.18 5.34
C CYS A 99 -22.35 -1.60 5.94
N ASP A 100 -21.74 -2.68 5.43
CA ASP A 100 -20.40 -3.15 5.86
C ASP A 100 -19.34 -2.10 5.51
N LEU A 101 -19.39 -1.54 4.30
CA LEU A 101 -18.41 -0.54 3.79
C LEU A 101 -18.67 0.83 4.42
N SER A 102 -19.92 1.31 4.38
CA SER A 102 -20.37 2.65 4.86
C SER A 102 -19.77 2.96 6.24
N HIS A 103 -19.65 1.94 7.10
CA HIS A 103 -19.02 2.01 8.43
C HIS A 103 -17.71 2.82 8.36
N GLU A 104 -16.81 2.45 7.45
CA GLU A 104 -15.41 2.97 7.38
C GLU A 104 -15.32 4.09 6.34
N TRP A 105 -16.44 4.68 5.94
CA TRP A 105 -16.50 5.83 4.98
C TRP A 105 -17.06 7.06 5.70
N GLU A 106 -16.72 8.26 5.19
CA GLU A 106 -17.27 9.56 5.67
C GLU A 106 -18.57 9.84 4.92
N VAL A 107 -19.59 9.00 5.12
CA VAL A 107 -20.91 9.06 4.39
C VAL A 107 -21.58 10.40 4.71
N ALA A 108 -21.53 10.83 5.97
CA ALA A 108 -22.24 12.02 6.51
C ALA A 108 -21.86 13.28 5.72
N ARG A 109 -20.57 13.53 5.50
CA ARG A 109 -20.04 14.82 4.97
C ARG A 109 -20.00 14.79 3.45
N VAL A 110 -19.91 13.61 2.82
CA VAL A 110 -20.04 13.46 1.34
C VAL A 110 -21.48 13.82 0.96
N GLU A 111 -22.46 13.34 1.75
CA GLU A 111 -23.91 13.66 1.57
C GLU A 111 -24.12 15.17 1.72
N GLU A 112 -23.46 15.79 2.70
CA GLU A 112 -23.53 17.25 2.98
C GLU A 112 -22.84 18.02 1.85
N GLY A 113 -21.67 17.52 1.40
CA GLY A 113 -20.86 18.14 0.34
C GLY A 113 -21.57 18.14 -1.00
N LEU A 114 -22.32 17.07 -1.29
CA LEU A 114 -23.14 16.95 -2.54
C LEU A 114 -24.29 17.98 -2.48
N THR A 115 -24.88 18.18 -1.30
CA THR A 115 -25.96 19.18 -1.07
C THR A 115 -25.39 20.59 -1.27
N THR A 116 -24.21 20.87 -0.70
CA THR A 116 -23.51 22.18 -0.80
C THR A 116 -23.15 22.46 -2.26
N ALA A 117 -22.52 21.50 -2.95
CA ALA A 117 -22.09 21.60 -4.36
C ALA A 117 -23.27 21.99 -5.26
N ALA A 118 -24.44 21.36 -5.06
CA ALA A 118 -25.67 21.62 -5.86
C ALA A 118 -26.23 23.01 -5.53
N THR A 119 -26.22 23.41 -4.26
CA THR A 119 -26.74 24.72 -3.77
C THR A 119 -25.90 25.86 -4.37
N GLN A 120 -24.57 25.76 -4.24
CA GLN A 120 -23.62 26.84 -4.62
C GLN A 120 -23.52 26.95 -6.15
N LEU A 121 -23.56 25.82 -6.88
CA LEU A 121 -23.52 25.81 -8.38
C LEU A 121 -24.79 26.46 -8.93
N ALA A 122 -25.95 26.24 -8.29
CA ALA A 122 -27.26 26.80 -8.69
C ALA A 122 -27.20 28.33 -8.60
N LYS A 123 -26.59 28.83 -7.52
CA LYS A 123 -26.33 30.26 -7.24
C LYS A 123 -25.50 30.87 -8.36
N GLN A 124 -24.45 30.16 -8.79
CA GLN A 124 -23.43 30.64 -9.76
C GLN A 124 -24.01 30.63 -11.18
N LEU A 125 -24.86 29.65 -11.50
CA LEU A 125 -25.58 29.60 -12.82
C LEU A 125 -26.62 30.72 -12.86
N SER A 126 -27.33 30.94 -11.75
CA SER A 126 -28.42 31.94 -11.61
C SER A 126 -27.86 33.36 -11.72
N GLU A 127 -26.78 33.67 -10.99
CA GLU A 127 -26.24 35.05 -10.85
C GLU A 127 -24.89 35.19 -11.56
N LEU A 128 -24.69 34.47 -12.68
CA LEU A 128 -23.47 34.57 -13.51
C LEU A 128 -23.41 35.97 -14.13
N ASP A 129 -22.38 36.74 -13.77
CA ASP A 129 -22.12 38.11 -14.30
C ASP A 129 -20.78 38.07 -15.06
N LEU A 130 -20.82 37.92 -16.37
CA LEU A 130 -19.60 37.78 -17.22
C LEU A 130 -18.86 39.12 -17.28
N ALA A 131 -17.57 39.13 -16.92
CA ALA A 131 -16.66 40.30 -16.96
C ALA A 131 -16.43 40.72 -18.42
N SER A 132 -16.10 41.99 -18.64
CA SER A 132 -15.91 42.61 -19.98
C SER A 132 -14.55 42.18 -20.54
N HIS A 133 -13.52 42.06 -19.70
CA HIS A 133 -12.17 41.59 -20.13
C HIS A 133 -12.23 40.10 -20.46
N PRO A 134 -11.75 39.66 -21.66
CA PRO A 134 -11.88 38.26 -22.09
C PRO A 134 -11.14 37.25 -21.21
N PHE A 135 -9.95 37.61 -20.73
CA PHE A 135 -9.10 36.73 -19.88
C PHE A 135 -9.77 36.53 -18.52
N VAL A 136 -10.31 37.60 -17.94
CA VAL A 136 -11.03 37.54 -16.63
C VAL A 136 -12.28 36.68 -16.83
N SER A 138 -12.76 34.26 -19.17
CA SER A 138 -12.36 32.85 -19.41
C SER A 138 -12.06 32.18 -18.06
N GLU A 139 -11.48 32.91 -17.11
CA GLU A 139 -11.16 32.40 -15.75
C GLU A 139 -12.46 32.13 -14.97
N GLN A 140 -13.52 32.90 -15.23
CA GLN A 140 -14.86 32.68 -14.59
C GLN A 140 -15.43 31.33 -15.03
N PHE A 141 -15.29 30.98 -16.31
CA PHE A 141 -15.81 29.70 -16.89
C PHE A 141 -15.00 28.52 -16.36
N ALA A 142 -13.69 28.68 -16.20
CA ALA A 142 -12.78 27.67 -15.60
C ALA A 142 -13.19 27.42 -14.15
N SER A 143 -13.55 28.50 -13.42
CA SER A 143 -14.03 28.45 -12.02
C SER A 143 -15.40 27.78 -11.97
N LEU A 144 -16.28 28.13 -12.91
CA LEU A 144 -17.68 27.61 -12.99
C LEU A 144 -17.63 26.09 -13.16
N LYS A 145 -16.85 25.61 -14.13
CA LYS A 145 -16.69 24.15 -14.43
C LYS A 145 -15.91 23.48 -13.29
N ASP A 146 -14.75 24.05 -12.94
CA ASP A 146 -13.85 23.54 -11.87
C ASP A 146 -13.28 22.19 -12.30
N ARG A 147 -12.83 21.38 -11.35
CA ARG A 147 -12.24 20.03 -11.58
C ARG A 147 -13.31 19.11 -12.17
N PRO A 148 -13.19 18.66 -13.43
CA PRO A 148 -14.25 17.86 -14.07
C PRO A 148 -14.35 16.43 -13.52
N PHE A 149 -15.52 15.82 -13.73
CA PHE A 149 -15.86 14.43 -13.33
C PHE A 149 -15.71 14.28 -11.81
N HIS A 150 -15.96 15.37 -11.07
CA HIS A 150 -15.77 15.47 -9.60
C HIS A 150 -17.00 16.12 -8.99
N PRO A 151 -17.85 15.36 -8.27
CA PRO A 151 -19.12 15.90 -7.77
C PRO A 151 -18.97 16.89 -6.60
N LEU A 152 -17.87 16.82 -5.85
CA LEU A 152 -17.58 17.69 -4.66
C LEU A 152 -16.63 18.84 -5.04
N ALA A 153 -16.37 19.08 -6.32
CA ALA A 153 -15.43 20.13 -6.79
C ALA A 153 -15.93 21.51 -6.37
N LYS A 154 -17.24 21.75 -6.40
CA LYS A 154 -17.85 23.09 -6.14
C LYS A 154 -18.01 23.34 -4.64
N GLU A 155 -17.82 22.31 -3.80
CA GLU A 155 -17.79 22.49 -2.32
C GLU A 155 -16.47 23.16 -1.93
N LYS A 156 -16.55 24.25 -1.16
CA LYS A 156 -15.38 25.00 -0.63
C LYS A 156 -15.55 25.08 0.89
N ARG A 157 -14.99 24.10 1.62
CA ARG A 157 -15.23 23.92 3.08
C ARG A 157 -14.50 25.02 3.84
N GLY A 158 -15.18 25.66 4.79
CA GLY A 158 -14.68 26.80 5.57
C GLY A 158 -15.37 28.09 5.15
N LEU A 159 -15.77 28.19 3.89
CA LEU A 159 -16.48 29.38 3.36
C LEU A 159 -17.92 29.38 3.86
N ARG A 160 -18.32 30.47 4.53
CA ARG A 160 -19.72 30.76 4.89
C ARG A 160 -20.46 31.18 3.61
N GLU A 161 -21.79 31.31 3.68
CA GLU A 161 -22.66 31.60 2.51
C GLU A 161 -22.29 32.96 1.91
N ALA A 162 -21.88 33.91 2.76
CA ALA A 162 -21.48 35.29 2.37
C ALA A 162 -20.10 35.25 1.67
N ASP A 163 -19.24 34.32 2.06
CA ASP A 163 -17.87 34.16 1.49
C ASP A 163 -17.98 33.64 0.05
N TYR A 164 -18.88 32.69 -0.20
CA TYR A 164 -19.20 32.17 -1.56
C TYR A 164 -19.60 33.34 -2.47
N GLN A 165 -20.40 34.28 -1.96
CA GLN A 165 -20.96 35.42 -2.73
C GLN A 165 -19.82 36.34 -3.22
N VAL A 166 -18.82 36.63 -2.37
CA VAL A 166 -17.77 37.66 -2.65
C VAL A 166 -16.63 37.04 -3.46
N TYR A 167 -16.16 35.85 -3.10
CA TYR A 167 -14.85 35.30 -3.57
C TYR A 167 -15.01 34.43 -4.83
N GLN A 168 -16.18 33.84 -5.09
CA GLN A 168 -16.43 33.03 -6.32
C GLN A 168 -16.37 33.98 -7.53
N ALA A 169 -15.50 33.67 -8.51
CA ALA A 169 -15.23 34.52 -9.70
C ALA A 169 -16.49 34.71 -10.55
N GLU A 170 -17.42 33.74 -10.51
CA GLU A 170 -18.63 33.70 -11.37
C GLU A 170 -19.55 34.90 -11.09
N LEU A 171 -19.57 35.37 -9.84
CA LEU A 171 -20.52 36.42 -9.38
C LEU A 171 -19.91 37.81 -9.61
N ASN A 172 -18.61 37.89 -9.90
CA ASN A 172 -17.90 39.09 -10.43
C ASN A 172 -17.87 40.22 -9.40
N GLN A 173 -17.88 39.88 -8.10
N GLN A 173 -17.89 39.90 -8.10
CA GLN A 173 -17.75 40.86 -6.98
CA GLN A 173 -17.76 40.90 -7.00
C GLN A 173 -16.26 41.08 -6.69
C GLN A 173 -16.28 41.08 -6.68
N SER A 174 -15.84 42.33 -6.55
CA SER A 174 -14.44 42.70 -6.19
C SER A 174 -14.38 42.92 -4.67
N PHE A 175 -13.18 42.80 -4.10
CA PHE A 175 -12.92 42.89 -2.64
C PHE A 175 -11.51 43.41 -2.43
N PRO A 176 -11.24 44.05 -1.27
CA PRO A 176 -9.91 44.57 -0.99
C PRO A 176 -8.97 43.46 -0.47
N LEU A 177 -7.67 43.72 -0.51
CA LEU A 177 -6.66 42.96 0.27
C LEU A 177 -6.43 43.66 1.61
N VAL A 179 -3.53 43.87 5.27
CA VAL A 179 -2.07 44.06 5.50
C VAL A 179 -1.66 43.35 6.78
N ALA A 180 -0.47 42.76 6.74
CA ALA A 180 0.25 42.23 7.91
C ALA A 180 1.72 42.65 7.81
N ALA A 181 2.20 43.44 8.77
CA ALA A 181 3.63 43.82 8.90
C ALA A 181 4.41 42.58 9.34
N VAL A 182 5.39 42.18 8.54
CA VAL A 182 6.29 41.02 8.82
C VAL A 182 7.70 41.57 9.07
N LYS A 183 8.25 41.30 10.25
CA LYS A 183 9.58 41.81 10.69
C LYS A 183 10.65 41.29 9.72
N LYS A 184 11.55 42.17 9.27
CA LYS A 184 12.53 41.90 8.19
C LYS A 184 13.47 40.76 8.57
N THR A 185 13.70 40.54 9.87
CA THR A 185 14.59 39.47 10.41
C THR A 185 13.93 38.10 10.20
N HIS A 186 12.59 38.05 10.15
CA HIS A 186 11.78 36.80 10.13
C HIS A 186 11.08 36.63 8.78
N ILE A 188 12.02 35.34 4.30
CA ILE A 188 12.90 35.07 3.13
C ILE A 188 12.14 35.48 1.88
N HIS A 189 12.83 35.48 0.74
CA HIS A 189 12.26 35.82 -0.59
C HIS A 189 13.00 35.05 -1.68
N GLY A 190 12.46 35.09 -2.91
CA GLY A 190 13.10 34.52 -4.10
C GLY A 190 14.44 35.15 -4.35
N ASP A 191 15.36 34.42 -4.98
CA ASP A 191 16.75 34.86 -5.24
C ASP A 191 16.75 36.17 -6.05
N THR A 192 15.82 36.31 -7.01
CA THR A 192 15.76 37.48 -7.93
C THR A 192 14.52 38.32 -7.64
N ALA A 193 13.95 38.22 -6.44
CA ALA A 193 12.71 38.92 -6.04
C ALA A 193 13.04 40.37 -5.65
N ASN A 194 12.58 41.33 -6.46
CA ASN A 194 12.78 42.79 -6.26
C ASN A 194 11.71 43.32 -5.30
N ILE A 195 12.14 43.82 -4.14
CA ILE A 195 11.25 44.37 -3.05
C ILE A 195 10.43 45.55 -3.59
N ASP A 196 10.98 46.32 -4.55
CA ASP A 196 10.30 47.47 -5.20
C ASP A 196 8.91 47.06 -5.69
N GLU A 197 8.77 45.85 -6.24
CA GLU A 197 7.50 45.36 -6.84
C GLU A 197 6.44 45.13 -5.76
N LEU A 198 6.85 44.58 -4.60
CA LEU A 198 5.94 44.33 -3.45
C LEU A 198 5.56 45.65 -2.78
N GLU A 199 6.50 46.59 -2.68
CA GLU A 199 6.27 47.95 -2.14
C GLU A 199 5.27 48.70 -3.02
N ASN A 200 5.37 48.55 -4.35
CA ASN A 200 4.45 49.16 -5.35
C ASN A 200 3.01 48.68 -5.10
N LEU A 201 2.85 47.42 -4.70
CA LEU A 201 1.54 46.77 -4.41
C LEU A 201 0.84 47.51 -3.26
N THR A 202 1.54 47.76 -2.15
CA THR A 202 0.95 48.25 -0.87
C THR A 202 1.22 49.75 -0.64
N VAL A 203 1.71 50.48 -1.63
CA VAL A 203 2.23 51.88 -1.44
C VAL A 203 1.09 52.84 -1.08
N PRO A 204 -0.18 52.66 -1.53
CA PRO A 204 -1.26 53.57 -1.13
C PRO A 204 -1.55 53.60 0.38
N ILE A 205 -1.29 52.51 1.11
CA ILE A 205 -1.63 52.38 2.55
C ILE A 205 -0.35 52.35 3.40
N LYS A 206 0.80 52.70 2.81
CA LYS A 206 2.12 52.73 3.50
C LYS A 206 2.09 53.78 4.61
N GLU A 207 1.56 54.98 4.31
CA GLU A 207 1.48 56.13 5.25
C GLU A 207 0.56 55.77 6.43
N GLN A 208 -0.59 55.16 6.15
CA GLN A 208 -1.56 54.71 7.19
C GLN A 208 -0.94 53.60 8.06
N ALA A 209 -0.21 52.68 7.44
CA ALA A 209 0.46 51.53 8.11
C ALA A 209 1.58 52.07 9.02
N THR A 210 2.35 53.03 8.52
CA THR A 210 3.45 53.70 9.27
C THR A 210 2.91 54.31 10.56
N ASP A 211 1.77 55.00 10.48
CA ASP A 211 1.10 55.67 11.63
C ASP A 211 0.65 54.62 12.64
N LEU A 213 1.78 51.60 13.18
CA LEU A 213 2.97 51.01 13.84
C LEU A 213 3.53 52.01 14.87
N ASN A 214 3.51 53.32 14.55
CA ASN A 214 4.03 54.40 15.42
C ASN A 214 3.15 54.55 16.67
N ASP A 215 1.86 54.20 16.58
CA ASP A 215 0.91 54.18 17.73
C ASP A 215 1.07 52.88 18.53
N GLN A 216 2.18 52.16 18.31
CA GLN A 216 2.43 50.81 18.89
C GLN A 216 3.91 50.67 19.28
N GLY A 217 4.72 51.72 19.11
CA GLY A 217 6.16 51.74 19.41
C GLY A 217 6.98 50.96 18.38
N LEU A 218 6.43 50.74 17.19
CA LEU A 218 7.12 50.00 16.08
C LEU A 218 7.43 50.97 14.94
N SER A 219 8.48 50.67 14.17
CA SER A 219 8.95 51.45 13.00
C SER A 219 8.76 50.62 11.72
N ILE A 220 8.22 51.22 10.67
CA ILE A 220 8.00 50.55 9.35
C ILE A 220 9.35 50.14 8.74
N ASP A 221 10.44 50.82 9.09
CA ASP A 221 11.81 50.53 8.59
C ASP A 221 12.25 49.12 9.02
N ASP A 222 11.62 48.54 10.04
CA ASP A 222 11.99 47.20 10.59
C ASP A 222 11.10 46.09 10.00
N TYR A 223 10.05 46.43 9.26
CA TYR A 223 9.01 45.49 8.76
C TYR A 223 8.86 45.58 7.24
N VAL A 224 8.20 44.59 6.66
CA VAL A 224 7.73 44.58 5.25
C VAL A 224 6.22 44.32 5.25
N LEU A 225 5.47 45.09 4.46
CA LEU A 225 3.99 44.98 4.38
C LEU A 225 3.62 43.86 3.40
N PHE A 226 2.94 42.83 3.91
CA PHE A 226 2.43 41.66 3.14
C PHE A 226 0.95 41.85 2.86
N PRO A 227 0.47 41.62 1.61
CA PRO A 227 -0.95 41.48 1.35
C PRO A 227 -1.47 40.20 2.01
N VAL A 228 -2.65 40.30 2.63
CA VAL A 228 -3.36 39.15 3.27
C VAL A 228 -4.78 39.10 2.69
N HIS A 229 -5.25 37.90 2.36
CA HIS A 229 -6.65 37.66 1.92
C HIS A 229 -7.57 37.92 3.12
N PRO A 230 -8.66 38.70 2.96
CA PRO A 230 -9.52 39.06 4.09
C PRO A 230 -10.01 37.88 4.93
N TRP A 231 -10.27 36.74 4.29
CA TRP A 231 -10.70 35.47 4.95
C TRP A 231 -9.53 34.91 5.77
N GLN A 232 -8.36 34.77 5.13
CA GLN A 232 -7.10 34.32 5.77
C GLN A 232 -6.81 35.22 6.98
N TYR A 233 -7.04 36.52 6.82
CA TYR A 233 -6.79 37.59 7.83
C TYR A 233 -7.65 37.36 9.07
N GLN A 234 -8.95 37.10 8.88
CA GLN A 234 -9.97 36.99 9.95
C GLN A 234 -9.85 35.64 10.68
N HIS A 235 -9.80 34.54 9.92
CA HIS A 235 -10.07 33.17 10.41
C HIS A 235 -8.80 32.41 10.81
N ILE A 236 -7.65 32.72 10.21
CA ILE A 236 -6.44 31.83 10.25
C ILE A 236 -5.27 32.51 10.98
N LEU A 237 -4.87 33.71 10.54
CA LEU A 237 -3.61 34.37 10.96
C LEU A 237 -3.59 34.66 12.47
N PRO A 238 -4.71 35.06 13.11
CA PRO A 238 -4.72 35.29 14.56
C PRO A 238 -4.38 34.03 15.37
N ASN A 239 -4.72 32.84 14.84
CA ASN A 239 -4.53 31.52 15.51
C ASN A 239 -3.13 30.97 15.19
N VAL A 240 -2.80 30.86 13.90
CA VAL A 240 -1.57 30.19 13.40
C VAL A 240 -0.33 30.98 13.83
N PHE A 241 -0.45 32.31 13.99
CA PHE A 241 0.66 33.21 14.41
C PHE A 241 0.34 33.87 15.76
N ALA A 242 -0.34 33.15 16.66
CA ALA A 242 -0.78 33.67 17.99
C ALA A 242 0.43 34.18 18.80
N THR A 243 1.52 33.39 18.83
CA THR A 243 2.75 33.67 19.61
C THR A 243 3.57 34.75 18.89
N GLU A 244 3.66 34.68 17.56
CA GLU A 244 4.39 35.67 16.72
C GLU A 244 3.71 37.04 16.84
N ILE A 245 2.38 37.07 16.92
CA ILE A 245 1.58 38.32 17.07
C ILE A 245 1.79 38.88 18.48
N SER A 246 1.94 38.02 19.49
CA SER A 246 2.24 38.39 20.90
C SER A 246 3.62 39.05 20.98
N GLU A 247 4.60 38.54 20.24
CA GLU A 247 6.02 38.98 20.29
C GLU A 247 6.28 40.16 19.33
N LYS A 248 5.24 40.63 18.61
CA LYS A 248 5.29 41.76 17.66
C LYS A 248 6.19 41.42 16.47
N LEU A 249 6.34 40.13 16.12
CA LEU A 249 7.12 39.68 14.93
C LEU A 249 6.21 39.74 13.69
N VAL A 250 4.92 39.42 13.87
CA VAL A 250 3.84 39.65 12.87
C VAL A 250 2.86 40.65 13.47
N VAL A 251 2.46 41.66 12.70
CA VAL A 251 1.44 42.68 13.14
C VAL A 251 0.31 42.68 12.11
N LEU A 252 -0.90 42.34 12.55
CA LEU A 252 -2.13 42.38 11.71
C LEU A 252 -2.69 43.79 11.76
N LEU A 253 -2.45 44.58 10.70
CA LEU A 253 -2.98 45.96 10.54
C LEU A 253 -4.35 45.86 9.86
N PRO A 254 -5.43 46.35 10.50
CA PRO A 254 -6.76 46.31 9.88
C PRO A 254 -6.90 47.39 8.80
N LEU A 255 -6.07 47.31 7.77
CA LEU A 255 -6.11 48.18 6.56
C LEU A 255 -6.74 47.38 5.41
N LYS A 256 -7.26 48.11 4.42
CA LYS A 256 -7.89 47.54 3.20
C LYS A 256 -7.41 48.39 2.02
N PHE A 257 -6.94 47.75 0.95
CA PHE A 257 -6.42 48.47 -0.22
C PHE A 257 -6.75 47.71 -1.50
N GLY A 258 -6.94 48.46 -2.57
CA GLY A 258 -7.06 47.95 -3.94
C GLY A 258 -8.43 47.36 -4.21
N ASP A 259 -8.56 46.68 -5.35
CA ASP A 259 -9.83 46.12 -5.85
C ASP A 259 -9.48 44.86 -6.64
N TYR A 260 -9.75 43.69 -6.06
CA TYR A 260 -9.24 42.38 -6.55
C TYR A 260 -10.42 41.45 -6.82
N LEU A 261 -10.37 40.80 -7.99
CA LEU A 261 -11.25 39.68 -8.38
C LEU A 261 -10.45 38.38 -8.23
N SER A 262 -11.11 37.29 -7.84
CA SER A 262 -10.53 35.92 -7.91
C SER A 262 -10.43 35.49 -9.37
N SER A 263 -9.46 34.64 -9.68
CA SER A 263 -9.29 33.98 -11.00
C SER A 263 -10.02 32.63 -10.96
N SER A 264 -9.60 31.68 -11.80
CA SER A 264 -10.01 30.25 -11.71
C SER A 264 -9.66 29.72 -10.31
N SER A 265 -8.54 30.19 -9.74
CA SER A 265 -8.16 30.02 -8.32
C SER A 265 -8.63 31.23 -7.50
N ARG A 267 -7.03 31.94 -4.80
CA ARG A 267 -5.74 32.38 -4.18
C ARG A 267 -5.06 33.39 -5.11
N SER A 268 -5.08 33.17 -6.43
CA SER A 268 -4.46 34.07 -7.44
C SER A 268 -5.46 35.17 -7.80
N LEU A 269 -5.17 36.42 -7.45
CA LEU A 269 -6.12 37.56 -7.56
C LEU A 269 -5.79 38.46 -8.76
N ILE A 270 -6.82 39.06 -9.35
CA ILE A 270 -6.73 39.91 -10.56
C ILE A 270 -7.04 41.36 -10.19
N ASP A 271 -6.07 42.25 -10.38
CA ASP A 271 -6.28 43.72 -10.46
C ASP A 271 -6.76 44.04 -11.88
N ILE A 272 -7.91 44.71 -12.02
CA ILE A 272 -8.53 45.00 -13.34
C ILE A 272 -7.67 46.03 -14.10
N GLY A 273 -6.93 46.88 -13.37
CA GLY A 273 -6.00 47.88 -13.95
C GLY A 273 -4.76 47.24 -14.55
N ALA A 274 -4.38 46.04 -14.08
CA ALA A 274 -3.22 45.26 -14.57
C ALA A 274 -3.60 43.78 -14.60
N PRO A 275 -4.47 43.35 -15.56
CA PRO A 275 -5.06 42.02 -15.52
C PRO A 275 -4.11 40.86 -15.86
N TYR A 276 -2.87 41.17 -16.28
CA TYR A 276 -1.80 40.18 -16.57
C TYR A 276 -0.70 40.25 -15.50
N ASN A 277 -1.03 40.78 -14.30
CA ASN A 277 -0.10 40.89 -13.15
C ASN A 277 -0.86 40.45 -11.89
N HIS A 278 -0.89 39.15 -11.63
CA HIS A 278 -1.74 38.53 -10.58
C HIS A 278 -0.98 38.48 -9.25
N VAL A 279 -1.72 38.61 -8.15
CA VAL A 279 -1.21 38.54 -6.75
C VAL A 279 -1.69 37.23 -6.14
N LYS A 280 -0.79 36.32 -5.82
CA LYS A 280 -1.12 35.02 -5.17
C LYS A 280 -0.90 35.17 -3.67
N VAL A 281 -1.93 34.85 -2.87
CA VAL A 281 -1.89 34.92 -1.38
C VAL A 281 -2.54 33.67 -0.81
N PRO A 282 -2.14 33.24 0.42
CA PRO A 282 -2.79 32.13 1.10
C PRO A 282 -4.29 32.33 1.37
N PHE A 283 -5.04 31.23 1.31
CA PHE A 283 -6.50 31.14 1.56
C PHE A 283 -6.76 29.73 2.10
N ALA A 284 -6.55 29.52 3.40
CA ALA A 284 -6.48 28.20 4.07
C ALA A 284 -7.88 27.60 4.23
N GLN A 286 -10.63 24.30 2.53
CA GLN A 286 -10.55 22.91 2.02
C GLN A 286 -11.28 22.82 0.69
N SER A 287 -10.52 22.78 -0.42
CA SER A 287 -11.00 22.47 -1.79
C SER A 287 -10.50 21.08 -2.19
N LEU A 288 -11.38 20.24 -2.73
CA LEU A 288 -11.11 18.85 -3.19
C LEU A 288 -10.56 18.01 -2.03
N GLY A 289 -11.04 18.28 -0.81
CA GLY A 289 -10.72 17.52 0.41
C GLY A 289 -9.36 17.88 1.01
N ALA A 290 -8.60 18.77 0.37
CA ALA A 290 -7.22 19.15 0.76
C ALA A 290 -7.19 20.61 1.20
N LEU A 291 -6.38 20.93 2.22
CA LEU A 291 -6.17 22.31 2.72
C LEU A 291 -5.37 23.08 1.67
N ARG A 292 -5.98 24.10 1.05
CA ARG A 292 -5.34 24.93 -0.01
C ARG A 292 -4.23 25.76 0.62
N LEU A 293 -3.01 25.22 0.63
CA LEU A 293 -1.81 25.79 1.28
C LEU A 293 -0.58 25.47 0.43
N THR A 294 0.07 26.50 -0.14
CA THR A 294 1.38 26.38 -0.82
C THR A 294 2.49 26.56 0.22
N PRO A 295 3.22 25.49 0.59
CA PRO A 295 4.37 25.63 1.48
C PRO A 295 5.49 26.46 0.83
N THR A 296 6.29 27.13 1.64
CA THR A 296 7.36 28.06 1.19
C THR A 296 8.37 27.31 0.32
N ARG A 297 8.60 26.02 0.59
CA ARG A 297 9.60 25.19 -0.13
C ARG A 297 9.13 24.93 -1.58
N TYR A 298 7.81 24.91 -1.81
CA TYR A 298 7.19 24.70 -3.16
C TYR A 298 7.55 25.88 -4.07
N LYS A 300 10.24 27.77 -3.78
CA LYS A 300 11.68 27.59 -4.04
C LYS A 300 11.85 26.50 -5.10
N ASN A 301 11.01 25.46 -5.06
CA ASN A 301 10.99 24.35 -6.06
C ASN A 301 10.50 24.89 -7.41
N GLY A 302 9.44 25.71 -7.41
CA GLY A 302 8.86 26.35 -8.60
C GLY A 302 9.87 27.23 -9.32
N GLU A 303 10.78 27.85 -8.56
CA GLU A 303 11.88 28.70 -9.08
C GLU A 303 12.88 27.82 -9.85
N GLN A 304 13.25 26.66 -9.30
CA GLN A 304 14.17 25.68 -9.93
C GLN A 304 13.49 25.06 -11.16
N ALA A 305 12.18 24.82 -11.10
CA ALA A 305 11.38 24.20 -12.18
C ALA A 305 11.26 25.18 -13.35
N GLU A 306 10.86 26.43 -13.08
CA GLU A 306 10.71 27.52 -14.08
C GLU A 306 12.03 27.71 -14.82
N GLN A 307 13.15 27.56 -14.11
CA GLN A 307 14.53 27.68 -14.68
C GLN A 307 14.76 26.55 -15.68
N LEU A 308 14.35 25.31 -15.35
CA LEU A 308 14.48 24.14 -16.25
C LEU A 308 13.58 24.32 -17.47
N LEU A 309 12.32 24.73 -17.28
CA LEU A 309 11.33 24.90 -18.38
C LEU A 309 11.88 25.88 -19.42
N ARG A 310 12.53 26.97 -18.98
CA ARG A 310 13.06 28.04 -19.87
C ARG A 310 14.26 27.52 -20.67
N GLN A 311 15.07 26.62 -20.11
CA GLN A 311 16.22 25.99 -20.80
C GLN A 311 15.71 25.10 -21.94
N LEU A 312 14.60 24.39 -21.74
CA LEU A 312 14.02 23.45 -22.74
C LEU A 312 13.35 24.26 -23.86
N ILE A 313 12.82 25.45 -23.55
CA ILE A 313 12.20 26.37 -24.57
C ILE A 313 13.32 26.93 -25.46
N GLU A 314 14.51 27.22 -24.90
CA GLU A 314 15.71 27.64 -25.67
C GLU A 314 16.17 26.49 -26.56
N LYS A 315 16.19 25.28 -26.01
CA LYS A 315 16.80 24.07 -26.63
C LYS A 315 15.91 23.53 -27.76
N ASP A 316 14.64 23.23 -27.47
CA ASP A 316 13.74 22.47 -28.40
C ASP A 316 13.09 23.43 -29.39
N GLU A 317 12.89 22.96 -30.63
CA GLU A 317 12.33 23.75 -31.76
C GLU A 317 10.82 23.93 -31.54
N ALA A 318 10.13 22.87 -31.13
CA ALA A 318 8.66 22.89 -30.92
C ALA A 318 8.32 23.75 -29.69
N LEU A 319 9.12 23.69 -28.63
CA LEU A 319 8.82 24.47 -27.40
C LEU A 319 9.08 25.95 -27.65
N ALA A 320 10.13 26.27 -28.42
CA ALA A 320 10.52 27.66 -28.75
C ALA A 320 9.37 28.35 -29.50
N LYS A 321 8.67 27.60 -30.35
CA LYS A 321 7.59 28.11 -31.22
C LYS A 321 6.32 28.40 -30.40
N TYR A 322 5.88 27.45 -29.58
CA TYR A 322 4.53 27.46 -28.96
C TYR A 322 4.55 27.95 -27.51
N VAL A 323 5.56 27.60 -26.71
CA VAL A 323 5.47 27.66 -25.22
C VAL A 323 6.01 29.00 -24.70
N VAL A 325 6.02 30.84 -20.47
CA VAL A 325 5.78 30.50 -19.03
C VAL A 325 5.58 31.81 -18.26
N CYS A 326 4.76 31.76 -17.21
CA CYS A 326 4.53 32.87 -16.27
C CYS A 326 5.75 33.01 -15.37
N ASP A 327 6.19 34.25 -15.13
CA ASP A 327 7.26 34.59 -14.16
C ASP A 327 6.67 34.55 -12.75
N GLU A 328 7.10 33.58 -11.94
CA GLU A 328 6.64 33.41 -10.52
C GLU A 328 7.84 33.53 -9.57
N THR A 329 8.93 34.17 -10.02
CA THR A 329 10.21 34.27 -9.25
C THR A 329 10.10 35.31 -8.12
N ALA A 330 9.25 36.33 -8.27
CA ALA A 330 9.00 37.37 -7.25
C ALA A 330 8.05 36.82 -6.18
N TRP A 331 8.59 36.27 -5.09
CA TRP A 331 7.80 35.76 -3.94
C TRP A 331 8.49 36.12 -2.62
N TRP A 332 7.69 36.31 -1.58
CA TRP A 332 8.13 36.58 -0.18
C TRP A 332 7.36 35.63 0.74
N SER A 333 7.97 35.27 1.87
CA SER A 333 7.41 34.31 2.85
C SER A 333 7.91 34.64 4.26
N TYR A 334 7.09 34.35 5.27
CA TYR A 334 7.51 34.37 6.69
C TYR A 334 8.55 33.26 6.90
N GLY A 336 10.31 31.66 10.46
CA GLY A 336 10.61 31.53 11.91
C GLY A 336 12.11 31.54 12.16
N GLN A 337 12.51 31.81 13.40
CA GLN A 337 13.94 32.04 13.77
C GLN A 337 14.74 30.74 13.72
N ASP A 338 14.06 29.58 13.72
CA ASP A 338 14.70 28.23 13.65
C ASP A 338 15.25 27.96 12.24
N ASN A 339 14.78 28.69 11.21
CA ASN A 339 15.23 28.56 9.79
C ASN A 339 14.86 27.18 9.23
N ASP A 340 13.76 26.57 9.71
CA ASP A 340 13.23 25.27 9.22
C ASP A 340 12.15 25.54 8.17
N ILE A 341 12.53 25.53 6.88
CA ILE A 341 11.65 25.87 5.72
C ILE A 341 10.50 24.86 5.58
N PHE A 342 10.64 23.66 6.16
CA PHE A 342 9.65 22.55 6.07
C PHE A 342 8.42 22.82 6.96
N LYS A 343 8.50 23.78 7.89
CA LYS A 343 7.41 24.07 8.86
C LYS A 343 6.14 24.48 8.10
N ASP A 344 5.00 23.89 8.44
CA ASP A 344 3.69 24.07 7.76
C ASP A 344 3.19 25.50 7.96
N GLN A 345 3.57 26.13 9.08
CA GLN A 345 3.19 27.51 9.48
C GLN A 345 3.51 28.51 8.36
N LEU A 346 4.67 28.36 7.71
CA LEU A 346 5.24 29.37 6.77
C LEU A 346 4.29 29.63 5.59
N GLY A 347 3.56 28.60 5.14
CA GLY A 347 2.67 28.65 3.96
C GLY A 347 1.49 29.58 4.15
N HIS A 348 1.10 29.85 5.40
CA HIS A 348 -0.08 30.69 5.77
C HIS A 348 0.22 32.18 5.62
N LEU A 349 1.50 32.58 5.54
CA LEU A 349 1.89 34.02 5.41
C LEU A 349 2.96 34.14 4.31
N THR A 350 2.51 34.21 3.05
CA THR A 350 3.36 34.40 1.86
C THR A 350 2.70 35.40 0.92
N VAL A 351 3.44 35.85 -0.09
CA VAL A 351 2.92 36.67 -1.22
C VAL A 351 3.78 36.34 -2.44
N GLN A 352 3.13 36.13 -3.59
CA GLN A 352 3.80 35.73 -4.86
C GLN A 352 3.15 36.51 -6.01
N LEU A 353 3.97 37.20 -6.80
CA LEU A 353 3.51 37.99 -7.98
C LEU A 353 3.73 37.13 -9.21
N ARG A 354 2.67 36.96 -10.02
CA ARG A 354 2.71 36.17 -11.26
C ARG A 354 2.59 37.13 -12.45
N LYS A 355 3.70 37.34 -13.16
CA LYS A 355 3.76 38.19 -14.38
C LYS A 355 3.55 37.28 -15.60
N TYR A 356 2.42 37.43 -16.28
CA TYR A 356 2.14 36.79 -17.59
C TYR A 356 3.04 37.45 -18.63
N PRO A 357 3.41 36.76 -19.73
CA PRO A 357 4.27 37.34 -20.76
C PRO A 357 3.71 38.69 -21.30
N GLU A 358 4.60 39.68 -21.46
CA GLU A 358 4.25 41.05 -21.92
C GLU A 358 3.62 41.00 -23.33
N VAL A 359 4.14 40.11 -24.19
CA VAL A 359 3.65 39.88 -25.58
C VAL A 359 2.11 39.82 -25.58
N LEU A 360 1.51 39.11 -24.62
CA LEU A 360 0.05 38.89 -24.52
C LEU A 360 -0.65 40.18 -24.04
N ALA A 361 -0.11 40.81 -22.98
CA ALA A 361 -0.75 41.94 -22.28
C ALA A 361 -0.88 43.15 -23.22
N LYS A 362 -0.01 43.26 -24.23
CA LYS A 362 -0.02 44.38 -25.22
C LYS A 362 -0.67 43.93 -26.53
N ASN A 363 -1.38 42.79 -26.51
CA ASN A 363 -2.14 42.22 -27.67
C ASN A 363 -3.60 42.06 -27.24
N ASP A 364 -4.48 42.96 -27.68
CA ASP A 364 -5.91 43.01 -27.27
C ASP A 364 -6.76 42.13 -28.18
N THR A 365 -6.15 41.53 -29.21
CA THR A 365 -6.83 40.77 -30.29
C THR A 365 -6.85 39.29 -29.91
N GLN A 366 -5.70 38.76 -29.49
CA GLN A 366 -5.56 37.38 -28.96
C GLN A 366 -6.45 37.21 -27.73
N GLN A 367 -7.07 36.04 -27.58
CA GLN A 367 -7.91 35.66 -26.41
C GLN A 367 -7.16 34.59 -25.61
N LEU A 368 -6.77 34.91 -24.37
CA LEU A 368 -6.12 33.94 -23.45
C LEU A 368 -7.21 33.11 -22.76
N VAL A 369 -7.28 31.83 -23.08
CA VAL A 369 -8.31 30.89 -22.57
C VAL A 369 -7.62 29.67 -21.96
N SER A 370 -7.83 29.43 -20.66
CA SER A 370 -7.37 28.20 -19.96
C SER A 370 -8.12 27.00 -20.52
N ALA A 372 -9.13 24.57 -18.88
CA ALA A 372 -10.20 24.29 -17.90
C ALA A 372 -11.48 25.02 -18.30
N ALA A 373 -11.36 26.24 -18.83
CA ALA A 373 -12.48 27.09 -19.28
C ALA A 373 -13.23 26.44 -20.44
N LEU A 374 -12.51 25.73 -21.33
CA LEU A 374 -13.09 25.07 -22.53
C LEU A 374 -13.89 23.83 -22.14
N ALA A 375 -13.76 23.34 -20.90
CA ALA A 375 -14.52 22.17 -20.39
C ALA A 375 -15.90 22.60 -19.87
N ALA A 376 -16.15 23.91 -19.73
CA ALA A 376 -17.45 24.46 -19.27
C ALA A 376 -18.50 24.25 -20.37
N ASN A 377 -19.68 23.74 -19.99
CA ASN A 377 -20.81 23.48 -20.91
C ASN A 377 -21.49 24.81 -21.25
N ASP A 378 -20.84 25.63 -22.07
CA ASP A 378 -21.30 26.99 -22.47
C ASP A 378 -20.65 27.37 -23.81
N ARG A 379 -21.43 28.01 -24.68
CA ARG A 379 -21.04 28.33 -26.09
C ARG A 379 -20.11 29.55 -26.13
N THR A 380 -20.20 30.43 -25.13
CA THR A 380 -19.59 31.80 -25.12
C THR A 380 -18.17 31.77 -25.68
N LEU A 381 -17.28 30.95 -25.12
CA LEU A 381 -15.82 30.95 -25.43
C LEU A 381 -15.57 30.37 -26.84
N TYR A 382 -16.32 29.35 -27.23
CA TYR A 382 -16.23 28.71 -28.57
C TYR A 382 -16.67 29.70 -29.66
N GLN A 383 -17.72 30.49 -29.39
CA GLN A 383 -18.24 31.54 -30.32
C GLN A 383 -17.22 32.67 -30.44
N ILE A 385 -13.86 32.39 -29.93
CA ILE A 385 -12.63 31.86 -30.59
C ILE A 385 -12.90 31.71 -32.09
N CYS A 386 -14.00 31.07 -32.46
CA CYS A 386 -14.39 30.79 -33.87
C CYS A 386 -14.81 32.09 -34.57
N GLY A 387 -15.35 33.06 -33.82
CA GLY A 387 -15.77 34.38 -34.33
C GLY A 387 -17.15 34.34 -34.98
N LYS A 388 -18.03 33.43 -34.55
CA LYS A 388 -19.40 33.28 -35.11
C LYS A 388 -20.26 32.39 -34.19
N ASP A 389 -21.58 32.60 -34.23
CA ASP A 389 -22.57 31.80 -33.46
C ASP A 389 -22.84 30.50 -34.21
N ASN A 390 -22.91 30.56 -35.53
CA ASN A 390 -23.17 29.41 -36.45
C ASN A 390 -21.94 28.50 -36.50
N ILE A 391 -21.68 27.73 -35.45
CA ILE A 391 -20.52 26.79 -35.37
C ILE A 391 -20.97 25.42 -35.87
N SER A 392 -20.38 24.95 -36.98
CA SER A 392 -20.69 23.65 -37.61
C SER A 392 -19.90 22.53 -36.91
N LYS A 393 -20.19 21.29 -37.29
CA LYS A 393 -19.47 20.08 -36.80
C LYS A 393 -18.01 20.15 -37.27
N ASN A 394 -17.78 20.47 -38.54
CA ASN A 394 -16.42 20.52 -39.16
C ASN A 394 -15.61 21.67 -38.56
N ASP A 395 -16.26 22.74 -38.08
CA ASP A 395 -15.58 23.90 -37.43
C ASP A 395 -14.93 23.45 -36.12
N VAL A 396 -15.71 22.79 -35.24
CA VAL A 396 -15.30 22.45 -33.84
C VAL A 396 -14.32 21.27 -33.88
N THR A 398 -12.14 20.75 -36.38
CA THR A 398 -10.91 21.43 -36.86
C THR A 398 -10.28 22.17 -35.67
N LEU A 399 -11.11 22.78 -34.81
CA LEU A 399 -10.65 23.53 -33.62
C LEU A 399 -10.04 22.57 -32.60
N PHE A 400 -10.68 21.41 -32.37
CA PHE A 400 -10.19 20.40 -31.38
C PHE A 400 -8.89 19.78 -31.88
N GLU A 401 -8.81 19.44 -33.17
CA GLU A 401 -7.59 18.90 -33.83
C GLU A 401 -6.42 19.84 -33.56
N ASP A 402 -6.66 21.15 -33.70
CA ASP A 402 -5.63 22.22 -33.50
C ASP A 402 -5.19 22.26 -32.03
N ILE A 403 -6.14 22.25 -31.09
CA ILE A 403 -5.86 22.27 -29.61
C ILE A 403 -5.06 21.01 -29.24
N ALA A 404 -5.52 19.84 -29.69
CA ALA A 404 -4.92 18.53 -29.37
C ALA A 404 -3.53 18.41 -29.99
N GLN A 405 -3.32 18.93 -31.20
CA GLN A 405 -2.02 18.87 -31.91
C GLN A 405 -0.97 19.67 -31.13
N VAL A 406 -1.25 20.94 -30.83
CA VAL A 406 -0.29 21.88 -30.17
C VAL A 406 -0.03 21.41 -28.73
N PHE A 407 -1.08 21.01 -28.00
CA PHE A 407 -1.00 20.58 -26.58
C PHE A 407 -0.14 19.32 -26.45
N LEU A 408 -0.47 18.27 -27.21
CA LEU A 408 0.22 16.95 -27.16
C LEU A 408 1.65 17.07 -27.73
N LYS A 409 1.88 17.93 -28.72
CA LYS A 409 3.23 18.19 -29.27
C LYS A 409 4.10 18.83 -28.16
N VAL A 410 3.60 19.91 -27.54
CA VAL A 410 4.31 20.66 -26.45
C VAL A 410 4.58 19.72 -25.27
N THR A 411 3.55 19.00 -24.80
CA THR A 411 3.62 18.11 -23.61
C THR A 411 4.68 17.02 -23.83
N LEU A 412 4.62 16.33 -24.97
CA LEU A 412 5.55 15.22 -25.30
C LEU A 412 6.94 15.77 -25.63
N SER A 413 7.04 17.00 -26.17
CA SER A 413 8.32 17.67 -26.48
C SER A 413 9.05 18.03 -25.17
N PHE A 414 8.30 18.36 -24.11
CA PHE A 414 8.83 18.55 -22.74
C PHE A 414 9.33 17.19 -22.22
N GLN A 416 10.34 14.38 -23.50
CA GLN A 416 11.49 13.67 -24.10
C GLN A 416 12.77 13.97 -23.31
N TYR A 417 12.87 15.15 -22.69
CA TYR A 417 14.05 15.63 -21.92
C TYR A 417 13.99 15.18 -20.46
N GLY A 418 12.85 14.64 -20.01
CA GLY A 418 12.66 14.15 -18.63
C GLY A 418 11.95 15.16 -17.75
N ALA A 419 11.16 16.07 -18.34
CA ALA A 419 10.41 17.10 -17.58
C ALA A 419 8.93 17.04 -17.95
N LEU A 420 8.05 17.09 -16.95
CA LEU A 420 6.59 17.07 -17.17
C LEU A 420 5.92 18.07 -16.23
N PRO A 421 5.47 19.24 -16.75
CA PRO A 421 4.63 20.16 -15.98
C PRO A 421 3.29 19.49 -15.61
N GLU A 422 2.67 19.95 -14.51
CA GLU A 422 1.32 19.53 -14.10
C GLU A 422 0.32 20.17 -15.08
N LEU A 423 -0.09 19.43 -16.10
CA LEU A 423 -0.84 19.96 -17.27
C LEU A 423 -2.29 19.49 -17.23
N HIS A 424 -2.98 19.73 -16.13
CA HIS A 424 -4.47 19.75 -16.08
C HIS A 424 -4.93 21.11 -16.62
N GLY A 425 -6.21 21.23 -16.99
CA GLY A 425 -6.76 22.41 -17.66
C GLY A 425 -6.46 23.73 -16.97
N GLN A 426 -6.25 23.75 -15.64
CA GLN A 426 -6.14 25.03 -14.89
C GLN A 426 -4.74 25.62 -15.05
N ASN A 427 -3.72 24.79 -15.27
CA ASN A 427 -2.31 25.26 -15.30
C ASN A 427 -1.87 25.65 -16.71
N ILE A 428 -2.66 25.39 -17.74
CA ILE A 428 -2.23 25.71 -19.13
C ILE A 428 -3.30 26.57 -19.81
N LEU A 429 -2.87 27.64 -20.49
CA LEU A 429 -3.75 28.55 -21.26
C LEU A 429 -3.30 28.58 -22.73
N LEU A 430 -4.26 28.70 -23.64
CA LEU A 430 -4.01 28.77 -25.10
C LEU A 430 -4.33 30.20 -25.59
N SER A 431 -3.38 30.82 -26.27
CA SER A 431 -3.56 32.14 -26.94
C SER A 431 -4.16 31.90 -28.32
N PHE A 432 -5.44 32.23 -28.50
CA PHE A 432 -6.20 32.04 -29.77
C PHE A 432 -6.13 33.31 -30.61
N GLU A 433 -5.88 33.17 -31.91
CA GLU A 433 -5.90 34.30 -32.87
C GLU A 433 -6.37 33.76 -34.22
N ASP A 434 -7.43 34.32 -34.78
CA ASP A 434 -8.08 33.87 -36.04
C ASP A 434 -8.47 32.39 -35.93
N GLY A 435 -8.95 31.97 -34.76
CA GLY A 435 -9.45 30.61 -34.51
C GLY A 435 -8.35 29.58 -34.36
N ARG A 436 -7.07 29.96 -34.33
CA ARG A 436 -5.97 28.96 -34.20
C ARG A 436 -5.19 29.21 -32.93
N VAL A 437 -4.58 28.16 -32.38
CA VAL A 437 -3.69 28.25 -31.19
C VAL A 437 -2.38 28.86 -31.66
N GLN A 438 -2.04 30.04 -31.15
CA GLN A 438 -0.74 30.71 -31.42
C GLN A 438 0.29 30.23 -30.40
N LYS A 439 -0.07 30.21 -29.12
CA LYS A 439 0.87 29.96 -28.00
C LYS A 439 0.23 29.10 -26.90
N CYS A 440 1.07 28.45 -26.09
CA CYS A 440 0.74 27.82 -24.79
C CYS A 440 1.37 28.63 -23.66
N VAL A 441 0.60 28.93 -22.62
CA VAL A 441 1.10 29.66 -21.42
C VAL A 441 0.98 28.73 -20.21
N LEU A 442 2.12 28.33 -19.63
CA LEU A 442 2.19 27.51 -18.39
C LEU A 442 2.14 28.44 -17.17
N ARG A 443 1.55 27.96 -16.07
CA ARG A 443 1.58 28.61 -14.74
C ARG A 443 1.57 27.55 -13.63
N ASP A 444 1.77 27.96 -12.38
CA ASP A 444 1.90 27.07 -11.19
C ASP A 444 2.99 26.02 -11.44
N HIS A 445 4.26 26.44 -11.43
CA HIS A 445 5.44 25.60 -11.80
C HIS A 445 5.95 24.77 -10.61
N ASP A 446 5.24 24.76 -9.47
CA ASP A 446 5.71 24.12 -8.22
C ASP A 446 5.69 22.58 -8.34
N THR A 447 4.93 22.03 -9.29
CA THR A 447 4.80 20.55 -9.50
C THR A 447 5.22 20.20 -10.94
N VAL A 448 6.42 20.57 -11.35
CA VAL A 448 7.07 20.05 -12.60
C VAL A 448 7.80 18.75 -12.25
N ARG A 449 7.27 17.61 -12.70
CA ARG A 449 7.82 16.27 -12.39
C ARG A 449 8.99 15.96 -13.32
N ILE A 450 9.97 15.19 -12.84
CA ILE A 450 11.25 14.91 -13.56
C ILE A 450 11.53 13.41 -13.58
N TYR A 451 12.16 12.94 -14.67
CA TYR A 451 12.73 11.58 -14.82
C TYR A 451 14.24 11.72 -15.03
N LYS A 452 15.02 11.39 -13.99
CA LYS A 452 16.47 11.69 -13.89
C LYS A 452 17.27 11.09 -15.04
N PRO A 453 17.06 9.80 -15.41
CA PRO A 453 17.85 9.18 -16.48
C PRO A 453 17.81 9.93 -17.82
N TRP A 454 16.65 10.49 -18.19
CA TRP A 454 16.45 11.25 -19.45
C TRP A 454 17.11 12.64 -19.35
N LEU A 455 16.96 13.34 -18.22
CA LEU A 455 17.64 14.65 -17.96
C LEU A 455 19.15 14.47 -18.06
N THR A 456 19.68 13.38 -17.50
CA THR A 456 21.13 13.03 -17.50
C THR A 456 21.59 12.71 -18.93
N ALA A 457 20.76 12.01 -19.72
CA ALA A 457 21.06 11.58 -21.10
C ALA A 457 21.21 12.82 -22.01
N HIS A 458 20.39 13.85 -21.79
CA HIS A 458 20.41 15.13 -22.56
C HIS A 458 21.42 16.13 -21.95
N GLN A 459 22.09 15.74 -20.87
CA GLN A 459 23.11 16.56 -20.15
C GLN A 459 22.46 17.85 -19.64
N LEU A 460 21.32 17.72 -18.96
CA LEU A 460 20.63 18.83 -18.25
C LEU A 460 20.89 18.69 -16.74
N SER A 461 21.12 19.81 -16.06
CA SER A 461 21.25 19.86 -14.58
C SER A 461 19.88 19.57 -13.96
N LEU A 462 19.85 18.73 -12.92
CA LEU A 462 18.59 18.36 -12.21
C LEU A 462 18.15 19.57 -11.39
N PRO A 463 16.84 19.90 -11.35
CA PRO A 463 16.34 20.93 -10.44
C PRO A 463 16.70 20.62 -8.98
N LYS A 464 17.28 21.60 -8.28
CA LYS A 464 17.71 21.47 -6.86
C LYS A 464 16.47 21.60 -5.96
N TYR A 465 15.58 20.61 -6.01
CA TYR A 465 14.30 20.59 -5.27
C TYR A 465 14.56 20.40 -3.78
N VAL A 466 13.94 21.26 -2.96
CA VAL A 466 13.92 21.14 -1.47
C VAL A 466 12.91 20.06 -1.12
N VAL A 467 13.39 18.85 -0.85
CA VAL A 467 12.52 17.67 -0.51
C VAL A 467 13.13 16.96 0.68
N ARG A 468 12.34 16.15 1.37
CA ARG A 468 12.81 15.34 2.53
C ARG A 468 13.92 14.40 2.06
N GLU A 469 14.93 14.23 2.90
CA GLU A 469 16.14 13.43 2.60
C GLU A 469 15.78 11.95 2.63
N ASP A 470 16.25 11.19 1.63
CA ASP A 470 16.02 9.72 1.44
C ASP A 470 14.60 9.34 1.85
N THR A 471 13.63 9.77 1.03
CA THR A 471 12.17 9.55 1.20
C THR A 471 11.54 9.80 -0.17
N PRO A 472 10.56 8.97 -0.66
CA PRO A 472 9.90 9.13 -1.97
C PRO A 472 8.87 10.28 -2.04
N ASN A 473 8.80 10.99 -3.17
CA ASN A 473 7.93 12.17 -3.38
C ASN A 473 7.34 12.13 -4.80
N THR A 474 6.32 12.94 -5.04
CA THR A 474 5.57 13.00 -6.33
C THR A 474 6.41 13.68 -7.42
N LEU A 475 7.33 14.58 -7.05
CA LEU A 475 8.16 15.38 -8.00
C LEU A 475 9.10 14.46 -8.79
N ILE A 476 9.86 13.61 -8.09
CA ILE A 476 10.89 12.72 -8.69
C ILE A 476 10.29 11.33 -8.90
N ASN A 477 10.03 10.97 -10.17
CA ASN A 477 9.42 9.68 -10.57
C ASN A 477 10.54 8.69 -10.93
N GLU A 478 10.58 7.54 -10.24
CA GLU A 478 11.74 6.61 -10.27
C GLU A 478 11.63 5.60 -11.43
N ASP A 479 10.46 5.45 -12.06
CA ASP A 479 10.29 4.61 -13.28
C ASP A 479 9.45 5.36 -14.33
N LEU A 480 9.48 4.89 -15.58
CA LEU A 480 8.74 5.50 -16.70
C LEU A 480 7.23 5.36 -16.50
N GLU A 481 6.77 4.27 -15.88
CA GLU A 481 5.32 4.02 -15.65
C GLU A 481 4.75 5.15 -14.81
N THR A 482 5.48 5.58 -13.76
CA THR A 482 5.09 6.66 -12.82
C THR A 482 5.19 8.01 -13.54
N PHE A 483 6.22 8.21 -14.36
CA PHE A 483 6.47 9.47 -15.09
C PHE A 483 5.32 9.74 -16.07
N PHE A 484 4.93 8.73 -16.85
CA PHE A 484 3.87 8.81 -17.88
C PHE A 484 2.48 8.76 -17.24
N ALA A 485 2.36 8.35 -15.97
CA ALA A 485 1.06 8.24 -15.27
C ALA A 485 0.43 9.64 -15.14
N TYR A 486 1.23 10.65 -14.80
CA TYR A 486 0.75 12.04 -14.56
C TYR A 486 0.46 12.73 -15.90
N PHE A 487 0.90 12.16 -17.02
CA PHE A 487 0.49 12.57 -18.39
C PHE A 487 -0.85 11.90 -18.71
N GLN A 488 -0.91 10.58 -18.56
CA GLN A 488 -2.08 9.72 -18.91
C GLN A 488 -3.32 10.19 -18.13
N THR A 489 -3.16 10.48 -16.83
CA THR A 489 -4.28 10.90 -15.94
C THR A 489 -4.67 12.36 -16.22
N LEU A 490 -3.80 13.32 -15.92
CA LEU A 490 -4.13 14.77 -15.86
C LEU A 490 -4.33 15.34 -17.28
N ALA A 491 -3.42 15.05 -18.22
CA ALA A 491 -3.37 15.69 -19.56
C ALA A 491 -4.43 15.09 -20.50
N VAL A 492 -4.61 13.77 -20.51
CA VAL A 492 -5.48 13.06 -21.50
C VAL A 492 -6.85 12.78 -20.88
N SER A 493 -6.90 11.97 -19.82
CA SER A 493 -8.14 11.38 -19.24
C SER A 493 -8.97 12.43 -18.52
N VAL A 494 -8.36 13.52 -18.03
CA VAL A 494 -9.07 14.59 -17.28
C VAL A 494 -9.20 15.83 -18.17
N ASN A 495 -8.08 16.43 -18.56
CA ASN A 495 -8.02 17.75 -19.27
C ASN A 495 -8.67 17.62 -20.66
N LEU A 496 -8.06 16.83 -21.56
CA LEU A 496 -8.49 16.72 -22.97
C LEU A 496 -9.89 16.08 -23.06
N TYR A 497 -10.18 15.07 -22.22
CA TYR A 497 -11.47 14.35 -22.26
C TYR A 497 -12.61 15.25 -21.78
N ALA A 498 -12.33 16.16 -20.85
CA ALA A 498 -13.32 17.15 -20.33
C ALA A 498 -13.70 18.12 -21.45
N ILE A 499 -12.74 18.49 -22.31
CA ILE A 499 -12.99 19.38 -23.49
C ILE A 499 -13.82 18.60 -24.51
N ILE A 500 -13.52 17.30 -24.71
CA ILE A 500 -14.31 16.40 -25.59
C ILE A 500 -15.74 16.32 -25.05
N ASP A 501 -15.88 16.12 -23.73
CA ASP A 501 -17.18 15.97 -23.04
C ASP A 501 -18.03 17.24 -23.25
N ALA A 502 -17.40 18.41 -23.17
CA ALA A 502 -18.05 19.74 -23.34
C ALA A 502 -18.53 19.89 -24.80
N ILE A 503 -17.65 19.63 -25.76
CA ILE A 503 -17.92 19.78 -27.22
C ILE A 503 -19.09 18.87 -27.63
N GLN A 504 -19.15 17.65 -27.08
CA GLN A 504 -20.26 16.69 -27.34
C GLN A 504 -21.57 17.28 -26.82
N ASP A 505 -21.58 17.79 -25.58
CA ASP A 505 -22.78 18.42 -24.94
C ASP A 505 -23.23 19.65 -25.74
N LEU A 506 -22.29 20.44 -26.26
CA LEU A 506 -22.57 21.77 -26.89
C LEU A 506 -23.02 21.58 -28.34
N PHE A 507 -22.33 20.75 -29.13
CA PHE A 507 -22.46 20.70 -30.61
C PHE A 507 -22.92 19.32 -31.10
N GLY A 508 -23.09 18.34 -30.22
CA GLY A 508 -23.58 16.99 -30.57
C GLY A 508 -22.58 16.18 -31.39
N VAL A 509 -21.29 16.54 -31.36
CA VAL A 509 -20.20 15.74 -31.99
C VAL A 509 -19.92 14.53 -31.10
N SER A 510 -19.80 13.34 -31.70
CA SER A 510 -19.51 12.08 -30.99
C SER A 510 -18.15 12.16 -30.29
N GLU A 511 -18.10 11.79 -29.00
CA GLU A 511 -16.84 11.75 -28.22
C GLU A 511 -15.91 10.68 -28.81
N HIS A 512 -16.48 9.66 -29.48
CA HIS A 512 -15.73 8.56 -30.15
C HIS A 512 -14.94 9.11 -31.34
N GLU A 513 -15.55 10.00 -32.13
CA GLU A 513 -14.89 10.65 -33.30
C GLU A 513 -13.80 11.59 -32.80
N LEU A 514 -14.03 12.28 -31.68
CA LEU A 514 -13.06 13.23 -31.06
C LEU A 514 -11.90 12.46 -30.44
N SER A 516 -10.87 9.40 -31.51
CA SER A 516 -10.14 8.88 -32.70
C SER A 516 -9.16 9.94 -33.19
N LEU A 517 -9.62 11.19 -33.22
CA LEU A 517 -8.83 12.38 -33.64
C LEU A 517 -7.67 12.59 -32.65
N LEU A 518 -7.93 12.46 -31.34
CA LEU A 518 -6.93 12.58 -30.24
C LEU A 518 -5.89 11.46 -30.37
N LYS A 519 -6.38 10.22 -30.49
CA LYS A 519 -5.58 8.97 -30.59
C LYS A 519 -4.57 9.07 -31.73
N GLN A 520 -5.00 9.53 -32.91
CA GLN A 520 -4.15 9.63 -34.12
C GLN A 520 -3.05 10.68 -33.90
N ILE A 521 -3.40 11.83 -33.29
CA ILE A 521 -2.46 12.94 -32.99
C ILE A 521 -1.36 12.41 -32.06
N LEU A 522 -1.76 11.65 -31.03
CA LEU A 522 -0.83 11.06 -30.03
C LEU A 522 0.13 10.08 -30.72
N LYS A 523 -0.37 9.25 -31.63
CA LYS A 523 0.44 8.28 -32.42
C LYS A 523 1.45 9.03 -33.30
N ASN A 524 1.01 10.11 -33.96
CA ASN A 524 1.85 10.96 -34.85
C ASN A 524 2.97 11.62 -34.04
N GLU A 525 2.67 12.11 -32.85
CA GLU A 525 3.65 12.85 -32.00
C GLU A 525 4.66 11.86 -31.41
N VAL A 526 4.18 10.78 -30.80
CA VAL A 526 5.05 9.73 -30.17
C VAL A 526 6.00 9.16 -31.23
N ALA A 527 5.54 8.95 -32.47
CA ALA A 527 6.34 8.36 -33.57
C ALA A 527 7.47 9.30 -34.02
N THR A 528 7.26 10.63 -33.96
CA THR A 528 8.18 11.64 -34.54
C THR A 528 9.11 12.27 -33.49
N ILE A 529 8.87 12.04 -32.19
CA ILE A 529 9.77 12.52 -31.10
C ILE A 529 10.99 11.60 -31.03
N SER A 530 12.18 12.18 -30.93
CA SER A 530 13.45 11.44 -30.70
C SER A 530 13.54 11.06 -29.23
N TRP A 531 12.89 9.96 -28.82
CA TRP A 531 12.99 9.40 -27.45
C TRP A 531 14.40 8.82 -27.26
N VAL A 532 14.84 8.70 -26.01
CA VAL A 532 16.06 7.92 -25.63
C VAL A 532 15.85 6.49 -26.16
N THR A 533 16.68 6.07 -27.11
CA THR A 533 16.48 4.88 -27.98
C THR A 533 16.27 3.61 -27.14
N THR A 534 16.91 3.52 -25.97
CA THR A 534 16.83 2.33 -25.07
C THR A 534 15.41 2.21 -24.47
N ASP A 535 14.67 3.32 -24.37
CA ASP A 535 13.36 3.38 -23.68
C ASP A 535 12.20 3.59 -24.69
N GLN A 536 12.47 3.71 -25.98
CA GLN A 536 11.44 4.00 -27.03
C GLN A 536 10.34 2.92 -27.02
N LEU A 537 10.71 1.64 -26.94
CA LEU A 537 9.76 0.50 -26.95
C LEU A 537 8.88 0.53 -25.68
N ALA A 538 9.42 0.97 -24.55
CA ALA A 538 8.71 1.09 -23.26
C ALA A 538 7.67 2.22 -23.33
N VAL A 539 7.99 3.32 -24.01
CA VAL A 539 7.07 4.49 -24.23
C VAL A 539 5.87 4.01 -25.06
N ARG A 540 6.12 3.27 -26.14
CA ARG A 540 5.06 2.75 -27.04
C ARG A 540 4.16 1.77 -26.26
N HIS A 541 4.76 0.90 -25.46
CA HIS A 541 4.05 -0.16 -24.69
C HIS A 541 3.08 0.50 -23.70
N ILE A 542 3.58 1.41 -22.87
CA ILE A 542 2.83 2.09 -21.78
C ILE A 542 1.58 2.78 -22.37
N LEU A 543 1.72 3.50 -23.48
CA LEU A 543 0.65 4.36 -24.05
C LEU A 543 -0.33 3.52 -24.89
N PHE A 544 0.18 2.69 -25.82
CA PHE A 544 -0.65 2.11 -26.92
C PHE A 544 -1.00 0.64 -26.66
N ASP A 545 -0.04 -0.19 -26.23
CA ASP A 545 -0.15 -1.68 -26.28
C ASP A 545 -0.61 -2.24 -24.94
N LYS A 546 -0.19 -1.63 -23.81
CA LYS A 546 -0.52 -2.10 -22.44
C LYS A 546 -2.04 -2.09 -22.25
N GLN A 547 -2.58 -3.10 -21.58
CA GLN A 547 -4.05 -3.35 -21.47
C GLN A 547 -4.69 -2.38 -20.46
N THR A 548 -3.91 -1.74 -19.59
CA THR A 548 -4.40 -0.80 -18.55
C THR A 548 -3.73 0.56 -18.67
N TRP A 549 -4.43 1.61 -18.23
CA TRP A 549 -3.90 2.97 -17.97
C TRP A 549 -4.07 3.26 -16.47
N PRO A 550 -3.22 4.12 -15.87
CA PRO A 550 -3.45 4.58 -14.50
C PRO A 550 -4.59 5.60 -14.47
N PHE A 551 -5.35 5.62 -13.36
CA PHE A 551 -6.47 6.57 -13.12
C PHE A 551 -6.31 7.22 -11.74
N LYS A 552 -6.26 8.55 -11.69
CA LYS A 552 -6.15 9.31 -10.42
C LYS A 552 -7.48 9.21 -9.67
N GLN A 553 -7.44 8.67 -8.44
CA GLN A 553 -8.61 8.46 -7.57
C GLN A 553 -8.95 9.79 -6.88
N ILE A 554 -10.22 10.19 -6.92
CA ILE A 554 -10.71 11.48 -6.34
C ILE A 554 -11.86 11.22 -5.33
N LEU A 555 -12.72 10.23 -5.57
CA LEU A 555 -13.86 9.91 -4.66
C LEU A 555 -13.37 9.11 -3.44
N LEU A 556 -12.66 8.00 -3.66
CA LEU A 556 -12.28 7.05 -2.58
C LEU A 556 -11.40 7.76 -1.53
N PRO A 557 -10.47 8.66 -1.89
CA PRO A 557 -9.80 9.50 -0.90
C PRO A 557 -10.74 10.28 0.02
N LEU A 558 -11.84 10.83 -0.50
CA LEU A 558 -12.79 11.66 0.29
C LEU A 558 -13.53 10.78 1.31
N LEU A 559 -13.67 9.49 1.02
CA LEU A 559 -14.33 8.51 1.91
C LEU A 559 -13.37 8.07 3.01
N TYR A 560 -12.06 8.15 2.77
CA TYR A 560 -11.00 7.65 3.68
C TYR A 560 -10.47 8.76 4.59
N GLN A 561 -10.39 9.99 4.08
CA GLN A 561 -9.84 11.14 4.84
C GLN A 561 -10.58 11.30 6.17
N ARG A 562 -9.85 11.49 7.28
CA ARG A 562 -10.41 12.10 8.51
C ARG A 562 -9.59 13.35 8.85
N PRO A 570 -5.13 10.95 1.51
CA PRO A 570 -4.36 9.90 0.86
C PRO A 570 -4.24 10.11 -0.65
N SER A 571 -3.07 9.87 -1.22
CA SER A 571 -2.84 9.91 -2.69
C SER A 571 -3.15 8.53 -3.25
N GLY A 572 -3.56 8.43 -4.52
CA GLY A 572 -3.94 7.13 -5.10
C GLY A 572 -4.02 7.13 -6.63
N LEU A 573 -3.41 6.11 -7.24
CA LEU A 573 -3.67 5.68 -8.64
C LEU A 573 -4.27 4.28 -8.61
N THR A 574 -5.21 4.00 -9.52
CA THR A 574 -5.76 2.64 -9.77
C THR A 574 -5.69 2.36 -11.27
N THR A 575 -5.90 1.11 -11.68
CA THR A 575 -5.83 0.69 -13.10
C THR A 575 -7.24 0.72 -13.68
N VAL A 576 -7.37 1.34 -14.85
CA VAL A 576 -8.60 1.34 -15.70
C VAL A 576 -8.19 0.85 -17.08
N PRO A 577 -9.15 0.52 -17.97
CA PRO A 577 -8.81 0.12 -19.34
C PRO A 577 -8.07 1.22 -20.13
N ASN A 578 -7.19 0.80 -21.04
CA ASN A 578 -6.45 1.70 -21.97
C ASN A 578 -7.44 2.28 -22.97
N PRO A 579 -7.63 3.63 -23.03
CA PRO A 579 -8.51 4.23 -24.03
C PRO A 579 -8.02 4.10 -25.47
N VAL A 581 -6.61 1.45 -26.73
CA VAL A 581 -6.87 0.05 -27.17
C VAL A 581 -8.33 -0.06 -27.62
N THR A 582 -8.57 -0.72 -28.76
CA THR A 582 -9.93 -1.04 -29.27
C THR A 582 -10.29 -2.47 -28.83
N TYR A 583 -10.80 -2.61 -27.60
CA TYR A 583 -11.27 -3.91 -27.03
C TYR A 583 -11.74 -3.70 -25.58
N GLN B 2 2.84 -42.26 28.58
CA GLN B 2 2.55 -43.04 29.82
C GLN B 2 1.20 -42.57 30.39
N ASN B 3 1.15 -41.31 30.82
CA ASN B 3 -0.07 -40.71 31.41
C ASN B 3 -1.27 -41.00 30.52
N HIS B 4 -2.33 -41.61 31.08
CA HIS B 4 -3.56 -41.82 30.29
C HIS B 4 -4.10 -40.43 29.98
N THR B 5 -3.98 -39.53 30.95
CA THR B 5 -4.33 -38.10 30.77
C THR B 5 -3.66 -37.57 29.49
N ALA B 6 -2.37 -37.87 29.32
CA ALA B 6 -1.52 -37.38 28.19
C ALA B 6 -2.05 -37.88 26.85
N VAL B 7 -2.52 -39.13 26.80
CA VAL B 7 -3.06 -39.75 25.55
C VAL B 7 -4.40 -39.06 25.21
N ASN B 8 -5.26 -38.84 26.20
CA ASN B 8 -6.60 -38.20 26.03
C ASN B 8 -6.43 -36.72 25.70
N THR B 9 -5.52 -36.02 26.39
CA THR B 9 -5.21 -34.58 26.17
C THR B 9 -4.71 -34.38 24.73
N ALA B 10 -3.81 -35.26 24.28
CA ALA B 10 -3.18 -35.18 22.94
C ALA B 10 -4.23 -35.48 21.88
N GLN B 11 -5.10 -36.44 22.16
CA GLN B 11 -6.15 -36.90 21.22
C GLN B 11 -7.12 -35.74 20.93
N ALA B 12 -7.42 -34.93 21.95
CA ALA B 12 -8.36 -33.79 21.87
C ALA B 12 -7.73 -32.64 21.08
N ILE B 13 -6.43 -32.42 21.25
CA ILE B 13 -5.66 -31.36 20.52
C ILE B 13 -5.73 -31.63 19.02
N ILE B 14 -5.50 -32.88 18.59
CA ILE B 14 -5.42 -33.27 17.15
C ILE B 14 -6.83 -33.20 16.53
N LEU B 15 -7.86 -33.63 17.26
CA LEU B 15 -9.28 -33.58 16.80
C LEU B 15 -9.70 -32.12 16.57
N ARG B 16 -9.47 -31.27 17.57
CA ARG B 16 -9.80 -29.81 17.53
C ARG B 16 -9.12 -29.16 16.32
N ASP B 17 -7.83 -29.46 16.12
CA ASP B 17 -7.00 -28.90 15.01
C ASP B 17 -7.51 -29.43 13.67
N LEU B 18 -7.99 -30.68 13.60
CA LEU B 18 -8.53 -31.30 12.36
C LEU B 18 -9.87 -30.63 11.99
N VAL B 19 -10.80 -30.51 12.95
CA VAL B 19 -12.17 -29.96 12.71
C VAL B 19 -12.02 -28.49 12.26
N ASP B 20 -11.24 -27.69 12.98
CA ASP B 20 -11.00 -26.25 12.68
C ASP B 20 -10.39 -26.11 11.28
N ALA B 21 -9.47 -27.00 10.92
CA ALA B 21 -8.80 -27.01 9.59
C ALA B 21 -9.82 -27.35 8.50
N LEU B 22 -10.74 -28.29 8.78
CA LEU B 22 -11.83 -28.69 7.85
C LEU B 22 -12.82 -27.53 7.71
N LEU B 23 -13.14 -26.85 8.81
CA LEU B 23 -14.13 -25.72 8.85
C LEU B 23 -13.60 -24.52 8.06
N PHE B 24 -12.32 -24.18 8.20
CA PHE B 24 -11.68 -23.01 7.55
C PHE B 24 -11.67 -23.20 6.04
N GLU B 25 -11.25 -24.37 5.56
CA GLU B 25 -11.09 -24.67 4.11
C GLU B 25 -12.42 -25.15 3.50
N ASP B 26 -13.42 -25.46 4.34
CA ASP B 26 -14.75 -25.97 3.91
C ASP B 26 -14.54 -27.24 3.08
N ILE B 27 -13.92 -28.26 3.67
CA ILE B 27 -13.60 -29.56 3.00
C ILE B 27 -14.90 -30.37 2.92
N ALA B 28 -15.21 -30.87 1.72
CA ALA B 28 -16.40 -31.71 1.42
C ALA B 28 -17.69 -30.96 1.80
N GLY B 29 -17.67 -29.62 1.73
CA GLY B 29 -18.82 -28.76 2.08
C GLY B 29 -19.27 -28.96 3.51
N ILE B 30 -18.33 -29.09 4.46
CA ILE B 30 -18.63 -29.29 5.90
C ILE B 30 -19.41 -28.09 6.45
N VAL B 31 -19.18 -26.90 5.89
CA VAL B 31 -19.87 -25.63 6.30
C VAL B 31 -21.03 -25.35 5.35
N SER B 32 -20.74 -25.26 4.04
CA SER B 32 -21.68 -24.76 3.00
C SER B 32 -22.84 -25.73 2.76
N ASN B 33 -22.58 -27.05 2.74
CA ASN B 33 -23.60 -28.10 2.50
C ASN B 33 -24.07 -28.69 3.84
N SER B 34 -24.37 -27.82 4.81
CA SER B 34 -24.90 -28.18 6.15
C SER B 34 -25.66 -26.98 6.73
N GLU B 35 -26.69 -27.21 7.53
CA GLU B 35 -27.57 -26.15 8.07
C GLU B 35 -27.12 -25.76 9.48
N ILE B 36 -27.32 -24.49 9.84
CA ILE B 36 -27.00 -23.92 11.18
C ILE B 36 -28.25 -24.06 12.05
N THR B 37 -28.14 -24.68 13.23
CA THR B 37 -29.28 -24.93 14.15
C THR B 37 -28.90 -24.48 15.57
N LYS B 38 -29.83 -24.63 16.52
CA LYS B 38 -29.61 -24.37 17.97
C LYS B 38 -30.33 -25.45 18.79
N GLU B 39 -29.56 -26.31 19.45
CA GLU B 39 -30.06 -27.36 20.37
C GLU B 39 -29.60 -27.01 21.79
N ASN B 40 -30.55 -26.63 22.66
CA ASN B 40 -30.30 -26.31 24.10
C ASN B 40 -29.31 -25.14 24.21
N GLY B 41 -29.44 -24.16 23.30
CA GLY B 41 -28.67 -22.89 23.32
C GLY B 41 -27.25 -23.05 22.79
N GLN B 42 -26.91 -24.18 22.18
CA GLN B 42 -25.58 -24.40 21.57
C GLN B 42 -25.73 -24.37 20.05
N THR B 43 -25.03 -23.47 19.37
CA THR B 43 -25.05 -23.44 17.89
C THR B 43 -24.48 -24.78 17.38
N LEU B 44 -25.14 -25.41 16.43
CA LEU B 44 -24.72 -26.71 15.86
C LEU B 44 -24.56 -26.61 14.34
N LEU B 45 -23.64 -27.40 13.79
CA LEU B 45 -23.54 -27.70 12.34
C LEU B 45 -24.00 -29.14 12.13
N ILE B 46 -25.10 -29.33 11.40
CA ILE B 46 -25.68 -30.68 11.11
C ILE B 46 -25.27 -31.06 9.68
N TYR B 47 -24.19 -31.85 9.56
CA TYR B 47 -23.60 -32.31 8.29
C TYR B 47 -24.17 -33.69 7.94
N GLU B 48 -25.20 -33.70 7.08
CA GLU B 48 -25.92 -34.93 6.63
C GLU B 48 -25.46 -35.29 5.21
N ARG B 49 -25.03 -36.54 5.02
CA ARG B 49 -24.65 -37.10 3.69
C ARG B 49 -24.85 -38.62 3.68
N GLU B 50 -25.23 -39.16 2.51
CA GLU B 50 -25.39 -40.62 2.29
C GLU B 50 -26.33 -41.16 3.37
N THR B 51 -25.80 -42.02 4.23
CA THR B 51 -26.58 -42.64 5.32
C THR B 51 -26.22 -42.00 6.66
N GLN B 52 -25.11 -41.26 6.67
CA GLN B 52 -24.52 -40.69 7.92
C GLN B 52 -24.94 -39.24 8.18
N GLN B 53 -24.79 -38.82 9.44
CA GLN B 53 -25.12 -37.46 9.91
C GLN B 53 -24.27 -37.10 11.13
N ILE B 54 -23.48 -36.02 11.04
CA ILE B 54 -22.64 -35.48 12.14
C ILE B 54 -23.31 -34.22 12.68
N LYS B 55 -23.30 -34.07 14.02
CA LYS B 55 -23.67 -32.82 14.72
C LYS B 55 -22.40 -32.25 15.35
N ILE B 56 -22.03 -31.01 14.98
CA ILE B 56 -20.76 -30.36 15.41
C ILE B 56 -21.12 -29.09 16.18
N PRO B 57 -20.84 -29.04 17.51
CA PRO B 57 -20.90 -27.78 18.25
C PRO B 57 -19.90 -26.76 17.70
N VAL B 58 -20.37 -25.56 17.34
CA VAL B 58 -19.51 -24.49 16.75
C VAL B 58 -19.84 -23.14 17.41
N TYR B 59 -18.95 -22.18 17.19
CA TYR B 59 -19.11 -20.74 17.55
C TYR B 59 -18.49 -19.91 16.42
N PHE B 60 -19.05 -18.73 16.16
CA PHE B 60 -18.52 -17.79 15.13
C PHE B 60 -17.27 -17.12 15.72
N SER B 61 -16.10 -17.42 15.15
CA SER B 61 -14.76 -17.02 15.68
C SER B 61 -14.44 -15.58 15.28
N ALA B 62 -13.32 -15.06 15.79
CA ALA B 62 -12.79 -13.71 15.50
C ALA B 62 -12.24 -13.66 14.07
N LEU B 63 -12.07 -14.81 13.41
CA LEU B 63 -11.63 -14.91 11.98
C LEU B 63 -12.85 -14.80 11.04
N ASN B 64 -14.05 -14.53 11.58
CA ASN B 64 -15.34 -14.49 10.82
C ASN B 64 -15.58 -15.86 10.16
N PHE B 66 -16.57 -20.29 11.35
CA PHE B 66 -16.97 -21.23 12.43
C PHE B 66 -15.74 -22.00 12.89
N ARG B 67 -15.67 -22.22 14.21
CA ARG B 67 -14.64 -23.07 14.86
C ARG B 67 -15.34 -24.07 15.79
N TYR B 68 -14.71 -25.22 16.03
CA TYR B 68 -15.19 -26.28 16.95
C TYR B 68 -15.22 -25.72 18.38
N GLU B 69 -16.41 -25.65 18.98
CA GLU B 69 -16.59 -25.41 20.43
C GLU B 69 -16.01 -26.62 21.17
N SER B 70 -14.73 -26.55 21.56
CA SER B 70 -13.89 -27.69 21.99
C SER B 70 -14.41 -28.29 23.30
N SER B 71 -15.15 -27.51 24.12
CA SER B 71 -15.69 -27.94 25.43
C SER B 71 -16.85 -28.93 25.27
N GLN B 72 -17.56 -28.90 24.13
CA GLN B 72 -18.75 -29.76 23.86
C GLN B 72 -18.34 -30.91 22.93
N PRO B 73 -18.94 -32.11 23.07
CA PRO B 73 -18.57 -33.27 22.24
C PRO B 73 -19.30 -33.28 20.89
N ILE B 74 -18.68 -33.89 19.88
CA ILE B 74 -19.26 -34.12 18.53
C ILE B 74 -20.16 -35.35 18.61
N THR B 75 -21.33 -35.30 17.97
CA THR B 75 -22.33 -36.39 17.91
C THR B 75 -22.37 -36.97 16.49
N ILE B 76 -22.01 -38.24 16.34
CA ILE B 76 -22.15 -39.02 15.08
C ILE B 76 -23.35 -39.96 15.25
N GLU B 77 -24.33 -39.88 14.34
CA GLU B 77 -25.54 -40.75 14.35
C GLU B 77 -25.10 -42.19 14.03
N GLY B 78 -25.40 -43.13 14.92
CA GLY B 78 -25.05 -44.55 14.79
C GLY B 78 -23.64 -44.83 15.28
N ARG B 79 -23.11 -43.98 16.17
CA ARG B 79 -21.82 -44.20 16.87
C ARG B 79 -22.12 -44.83 18.23
N VAL B 80 -21.72 -46.09 18.43
CA VAL B 80 -21.87 -46.86 19.70
C VAL B 80 -20.49 -46.98 20.35
N SER B 81 -20.17 -46.07 21.28
CA SER B 81 -18.90 -45.99 22.05
C SER B 81 -18.98 -44.83 23.03
N LYS B 82 -18.32 -44.94 24.18
CA LYS B 82 -18.20 -43.85 25.20
C LYS B 82 -16.76 -43.32 25.22
N GLN B 83 -15.80 -44.09 24.70
CA GLN B 83 -14.39 -43.67 24.48
C GLN B 83 -14.41 -42.41 23.62
N PRO B 84 -13.82 -41.27 24.08
CA PRO B 84 -13.87 -40.02 23.32
C PRO B 84 -13.41 -40.16 21.87
N LEU B 85 -14.06 -39.41 20.97
CA LEU B 85 -13.84 -39.44 19.50
C LEU B 85 -12.40 -38.98 19.19
N THR B 86 -11.67 -39.76 18.40
CA THR B 86 -10.29 -39.44 17.94
C THR B 86 -10.36 -38.70 16.60
N ALA B 87 -9.27 -38.04 16.22
CA ALA B 87 -9.15 -37.31 14.94
C ALA B 87 -9.17 -38.30 13.77
N ALA B 88 -8.52 -39.45 13.94
CA ALA B 88 -8.47 -40.55 12.94
C ALA B 88 -9.87 -41.14 12.72
N GLU B 89 -10.66 -41.22 13.80
CA GLU B 89 -12.05 -41.76 13.77
C GLU B 89 -12.95 -40.78 13.02
N PHE B 90 -12.84 -39.49 13.33
CA PHE B 90 -13.64 -38.39 12.71
C PHE B 90 -13.32 -38.28 11.22
N TRP B 91 -12.03 -38.38 10.86
CA TRP B 91 -11.55 -38.31 9.45
C TRP B 91 -12.19 -39.44 8.62
N GLN B 92 -12.20 -40.67 9.15
CA GLN B 92 -12.79 -41.86 8.48
C GLN B 92 -14.27 -41.61 8.20
N THR B 93 -14.98 -41.04 9.17
CA THR B 93 -16.43 -40.74 9.10
C THR B 93 -16.66 -39.80 7.91
N ILE B 94 -16.00 -38.64 7.90
CA ILE B 94 -16.09 -37.59 6.83
C ILE B 94 -15.84 -38.24 5.46
N ALA B 95 -14.81 -39.08 5.35
CA ALA B 95 -14.35 -39.70 4.08
C ALA B 95 -15.37 -40.74 3.59
N ASN B 96 -15.94 -41.53 4.50
CA ASN B 96 -16.92 -42.61 4.19
C ASN B 96 -18.24 -42.00 3.71
N ASN B 98 -18.32 -39.38 1.87
CA ASN B 98 -17.99 -38.71 0.59
C ASN B 98 -17.24 -39.70 -0.31
N CYS B 99 -17.78 -40.90 -0.49
CA CYS B 99 -17.16 -41.96 -1.33
C CYS B 99 -16.95 -41.44 -2.76
N ASP B 100 -17.86 -40.60 -3.26
CA ASP B 100 -17.74 -39.91 -4.57
C ASP B 100 -16.31 -39.35 -4.69
N LEU B 101 -15.93 -38.43 -3.80
CA LEU B 101 -14.62 -37.76 -3.91
C LEU B 101 -13.55 -38.48 -3.07
N SER B 102 -13.91 -39.30 -2.07
CA SER B 102 -12.91 -40.03 -1.27
C SER B 102 -12.04 -40.85 -2.22
N HIS B 103 -12.59 -41.27 -3.36
CA HIS B 103 -11.85 -41.95 -4.46
C HIS B 103 -10.53 -41.21 -4.75
N GLU B 104 -10.59 -39.88 -4.87
CA GLU B 104 -9.43 -39.02 -5.24
C GLU B 104 -8.46 -38.87 -4.06
N TRP B 105 -8.96 -38.85 -2.81
CA TRP B 105 -8.16 -38.54 -1.59
C TRP B 105 -7.19 -39.68 -1.25
N GLU B 106 -6.20 -39.37 -0.41
CA GLU B 106 -5.25 -40.35 0.20
C GLU B 106 -5.72 -40.64 1.62
N VAL B 107 -6.91 -41.24 1.75
CA VAL B 107 -7.65 -41.40 3.05
C VAL B 107 -6.77 -42.14 4.05
N ALA B 108 -6.02 -43.16 3.59
CA ALA B 108 -5.21 -44.05 4.44
C ALA B 108 -4.01 -43.31 5.02
N ARG B 109 -3.33 -42.46 4.22
CA ARG B 109 -2.11 -41.79 4.72
C ARG B 109 -2.54 -40.62 5.63
N VAL B 110 -3.75 -40.10 5.47
CA VAL B 110 -4.24 -39.01 6.36
C VAL B 110 -4.68 -39.64 7.69
N GLU B 111 -5.19 -40.87 7.67
CA GLU B 111 -5.64 -41.60 8.89
C GLU B 111 -4.41 -42.09 9.65
N GLU B 112 -3.37 -42.53 8.93
CA GLU B 112 -2.08 -42.99 9.50
C GLU B 112 -1.39 -41.80 10.20
N GLY B 113 -1.32 -40.66 9.51
CA GLY B 113 -0.66 -39.43 10.00
C GLY B 113 -1.37 -38.84 11.21
N LEU B 114 -2.70 -38.83 11.20
CA LEU B 114 -3.53 -38.31 12.33
C LEU B 114 -3.34 -39.19 13.58
N THR B 115 -3.12 -40.50 13.40
CA THR B 115 -2.83 -41.45 14.51
C THR B 115 -1.43 -41.16 15.07
N THR B 116 -0.45 -40.96 14.20
CA THR B 116 0.97 -40.67 14.57
C THR B 116 1.03 -39.39 15.40
N ALA B 117 0.38 -38.31 14.92
CA ALA B 117 0.35 -36.97 15.55
C ALA B 117 -0.15 -37.09 17.00
N ALA B 118 -1.21 -37.86 17.23
CA ALA B 118 -1.82 -38.09 18.56
C ALA B 118 -0.87 -38.95 19.42
N THR B 119 -0.21 -39.94 18.82
CA THR B 119 0.74 -40.85 19.52
C THR B 119 1.94 -40.05 20.01
N GLN B 120 2.59 -39.29 19.12
CA GLN B 120 3.87 -38.60 19.40
C GLN B 120 3.65 -37.38 20.30
N LEU B 121 2.50 -36.69 20.17
CA LEU B 121 2.15 -35.53 21.04
C LEU B 121 1.93 -36.02 22.47
N ALA B 122 1.41 -37.23 22.65
CA ALA B 122 1.16 -37.85 23.98
C ALA B 122 2.51 -38.14 24.66
N LYS B 123 3.52 -38.61 23.91
CA LYS B 123 4.86 -38.93 24.46
C LYS B 123 5.57 -37.63 24.86
N GLN B 124 5.41 -36.58 24.06
CA GLN B 124 6.07 -35.26 24.28
C GLN B 124 5.45 -34.57 25.50
N LEU B 125 4.12 -34.61 25.64
CA LEU B 125 3.40 -34.03 26.81
C LEU B 125 3.76 -34.82 28.07
N SER B 126 3.81 -36.14 27.97
CA SER B 126 4.09 -37.08 29.09
C SER B 126 5.54 -36.90 29.58
N GLU B 127 6.50 -36.80 28.67
CA GLU B 127 7.96 -36.84 28.98
C GLU B 127 8.60 -35.48 28.67
N LEU B 128 7.88 -34.37 28.92
CA LEU B 128 8.36 -33.00 28.66
C LEU B 128 9.45 -32.65 29.68
N ASP B 129 10.70 -32.56 29.24
CA ASP B 129 11.87 -32.19 30.06
C ASP B 129 12.33 -30.80 29.60
N LEU B 130 12.01 -29.76 30.36
CA LEU B 130 12.21 -28.35 29.94
C LEU B 130 13.58 -27.86 30.40
N ALA B 131 14.33 -27.22 29.49
CA ALA B 131 15.61 -26.53 29.75
C ALA B 131 15.34 -25.25 30.55
N SER B 132 16.34 -24.75 31.29
CA SER B 132 16.24 -23.55 32.15
C SER B 132 16.48 -22.27 31.32
N HIS B 133 17.30 -22.33 30.27
CA HIS B 133 17.60 -21.16 29.39
C HIS B 133 16.33 -20.75 28.64
N PRO B 134 15.87 -19.49 28.77
CA PRO B 134 14.61 -19.05 28.18
C PRO B 134 14.51 -19.29 26.66
N PHE B 135 15.60 -19.06 25.93
CA PHE B 135 15.65 -19.22 24.45
C PHE B 135 15.54 -20.71 24.10
N VAL B 136 16.26 -21.58 24.82
CA VAL B 136 16.23 -23.06 24.58
C VAL B 136 14.84 -23.58 24.95
N SER B 138 11.88 -21.85 25.11
CA SER B 138 10.87 -21.31 24.16
C SER B 138 10.89 -22.14 22.88
N GLU B 139 12.08 -22.52 22.39
CA GLU B 139 12.24 -23.36 21.17
C GLU B 139 11.60 -24.74 21.39
N GLN B 140 11.62 -25.25 22.64
CA GLN B 140 10.98 -26.54 23.00
C GLN B 140 9.45 -26.39 22.92
N PHE B 141 8.90 -25.28 23.40
CA PHE B 141 7.44 -24.99 23.39
C PHE B 141 6.98 -24.74 21.95
N ALA B 142 7.81 -24.08 21.13
CA ALA B 142 7.55 -23.85 19.69
C ALA B 142 7.48 -25.19 18.96
N SER B 143 8.32 -26.15 19.35
CA SER B 143 8.35 -27.52 18.80
C SER B 143 7.10 -28.29 19.26
N LEU B 144 6.71 -28.14 20.53
CA LEU B 144 5.56 -28.85 21.14
C LEU B 144 4.26 -28.43 20.43
N LYS B 145 4.05 -27.12 20.26
CA LYS B 145 2.85 -26.57 19.58
C LYS B 145 2.94 -26.85 18.08
N ASP B 146 4.09 -26.51 17.47
CA ASP B 146 4.37 -26.68 16.02
C ASP B 146 3.46 -25.73 15.23
N ARG B 147 3.25 -26.00 13.94
CA ARG B 147 2.43 -25.17 13.03
C ARG B 147 0.98 -25.19 13.54
N PRO B 148 0.41 -24.04 13.95
CA PRO B 148 -0.93 -24.03 14.56
C PRO B 148 -2.06 -24.23 13.53
N PHE B 149 -3.20 -24.71 14.03
CA PHE B 149 -4.44 -25.00 13.24
C PHE B 149 -4.10 -26.02 12.16
N HIS B 150 -3.32 -27.04 12.50
CA HIS B 150 -2.73 -28.04 11.57
C HIS B 150 -2.67 -29.40 12.27
N PRO B 151 -3.58 -30.35 11.94
CA PRO B 151 -3.64 -31.63 12.65
C PRO B 151 -2.49 -32.60 12.34
N LEU B 152 -1.82 -32.42 11.19
CA LEU B 152 -0.69 -33.30 10.74
C LEU B 152 0.66 -32.61 10.94
N ALA B 153 0.73 -31.57 11.78
CA ALA B 153 1.97 -30.79 12.04
C ALA B 153 3.00 -31.67 12.75
N LYS B 154 2.55 -32.50 13.70
CA LYS B 154 3.42 -33.33 14.58
C LYS B 154 3.89 -34.60 13.87
N GLU B 155 3.34 -34.94 12.72
CA GLU B 155 3.79 -36.09 11.90
C GLU B 155 5.09 -35.72 11.18
N LYS B 156 6.19 -36.40 11.48
CA LYS B 156 7.48 -36.28 10.76
C LYS B 156 7.71 -37.58 10.00
N ARG B 157 7.36 -37.62 8.71
CA ARG B 157 7.34 -38.87 7.90
C ARG B 157 8.76 -39.23 7.51
N GLY B 158 9.17 -40.47 7.78
CA GLY B 158 10.55 -40.96 7.59
C GLY B 158 11.20 -41.33 8.91
N LEU B 159 10.79 -40.68 10.01
CA LEU B 159 11.31 -40.97 11.37
C LEU B 159 10.74 -42.30 11.89
N ARG B 160 11.59 -43.13 12.50
CA ARG B 160 11.20 -44.32 13.30
C ARG B 160 10.63 -43.86 14.64
N GLU B 161 9.99 -44.77 15.38
CA GLU B 161 9.51 -44.54 16.78
C GLU B 161 10.68 -44.06 17.64
N ALA B 162 11.86 -44.66 17.47
CA ALA B 162 13.10 -44.34 18.21
C ALA B 162 13.64 -42.96 17.81
N ASP B 163 13.51 -42.58 16.53
CA ASP B 163 14.03 -41.30 16.00
C ASP B 163 13.24 -40.12 16.60
N TYR B 164 11.94 -40.28 16.82
CA TYR B 164 11.07 -39.31 17.53
C TYR B 164 11.60 -39.08 18.96
N GLN B 165 12.00 -40.15 19.65
CA GLN B 165 12.44 -40.12 21.08
C GLN B 165 13.74 -39.31 21.24
N VAL B 166 14.57 -39.23 20.21
CA VAL B 166 15.91 -38.56 20.27
C VAL B 166 15.77 -37.10 19.80
N TYR B 167 15.20 -36.87 18.61
CA TYR B 167 15.36 -35.60 17.86
C TYR B 167 14.24 -34.61 18.16
N GLN B 168 13.14 -35.02 18.80
CA GLN B 168 12.10 -34.04 19.22
C GLN B 168 12.66 -33.26 20.41
N ALA B 169 12.78 -31.93 20.26
CA ALA B 169 13.42 -31.00 21.23
C ALA B 169 12.73 -31.09 22.60
N GLU B 170 11.45 -31.48 22.64
CA GLU B 170 10.60 -31.52 23.86
C GLU B 170 11.22 -32.48 24.90
N LEU B 171 11.86 -33.56 24.43
CA LEU B 171 12.37 -34.66 25.29
C LEU B 171 13.78 -34.35 25.81
N ASN B 172 14.43 -33.31 25.26
CA ASN B 172 15.67 -32.68 25.82
C ASN B 172 16.84 -33.67 25.84
N GLN B 173 16.99 -34.48 24.79
N GLN B 173 16.97 -34.50 24.80
CA GLN B 173 18.13 -35.41 24.62
CA GLN B 173 18.12 -35.43 24.60
C GLN B 173 19.13 -34.81 23.62
C GLN B 173 19.11 -34.77 23.62
N SER B 174 20.27 -34.33 24.12
CA SER B 174 21.36 -33.76 23.28
C SER B 174 22.05 -34.92 22.54
N PHE B 175 22.67 -34.64 21.40
CA PHE B 175 23.37 -35.65 20.57
C PHE B 175 24.55 -35.02 19.85
N PRO B 176 25.57 -35.83 19.48
CA PRO B 176 26.70 -35.34 18.68
C PRO B 176 26.43 -35.45 17.17
N LEU B 177 27.20 -34.70 16.38
CA LEU B 177 27.12 -34.70 14.89
C LEU B 177 28.22 -35.60 14.33
N VAL B 179 30.62 -36.68 10.66
CA VAL B 179 31.49 -35.91 9.74
C VAL B 179 31.44 -36.53 8.34
N ALA B 180 31.44 -35.68 7.31
CA ALA B 180 31.65 -36.04 5.90
C ALA B 180 32.75 -35.16 5.32
N ALA B 181 33.91 -35.76 4.99
CA ALA B 181 35.04 -35.05 4.33
C ALA B 181 34.67 -34.77 2.88
N VAL B 182 34.35 -33.52 2.56
CA VAL B 182 34.01 -33.07 1.18
C VAL B 182 35.30 -32.53 0.53
N LYS B 183 35.62 -33.00 -0.67
CA LYS B 183 36.85 -32.62 -1.41
C LYS B 183 36.73 -31.16 -1.86
N LYS B 184 37.80 -30.37 -1.65
CA LYS B 184 37.84 -28.90 -1.86
C LYS B 184 37.51 -28.53 -3.31
N THR B 185 37.74 -29.44 -4.27
CA THR B 185 37.44 -29.21 -5.71
C THR B 185 35.93 -29.30 -5.96
N HIS B 186 35.19 -29.93 -5.04
CA HIS B 186 33.74 -30.21 -5.19
C HIS B 186 32.94 -29.50 -4.08
N ILE B 188 31.25 -25.23 -2.98
CA ILE B 188 31.19 -23.75 -2.99
C ILE B 188 30.87 -23.29 -1.57
N HIS B 189 30.83 -21.97 -1.36
CA HIS B 189 30.49 -21.35 -0.05
C HIS B 189 30.01 -19.90 -0.26
N GLY B 190 29.50 -19.29 0.81
CA GLY B 190 29.10 -17.87 0.83
C GLY B 190 30.26 -16.96 0.50
N ASP B 191 29.99 -15.79 -0.08
CA ASP B 191 30.99 -14.76 -0.47
C ASP B 191 31.88 -14.43 0.73
N THR B 192 31.28 -14.29 1.93
CA THR B 192 31.96 -13.78 3.16
C THR B 192 32.15 -14.91 4.18
N ALA B 193 31.99 -16.18 3.78
CA ALA B 193 32.06 -17.35 4.68
C ALA B 193 33.53 -17.67 5.01
N ASN B 194 33.92 -17.49 6.28
CA ASN B 194 35.30 -17.74 6.78
C ASN B 194 35.42 -19.23 7.16
N ILE B 195 36.30 -19.96 6.47
CA ILE B 195 36.55 -21.43 6.69
C ILE B 195 36.94 -21.68 8.16
N ASP B 196 37.64 -20.74 8.79
CA ASP B 196 38.11 -20.85 10.20
C ASP B 196 36.93 -21.14 11.14
N GLU B 197 35.75 -20.59 10.86
CA GLU B 197 34.54 -20.76 11.73
C GLU B 197 34.06 -22.21 11.66
N LEU B 198 34.09 -22.83 10.47
CA LEU B 198 33.70 -24.24 10.27
C LEU B 198 34.77 -25.17 10.88
N GLU B 199 36.05 -24.78 10.80
CA GLU B 199 37.19 -25.60 11.29
C GLU B 199 37.24 -25.55 12.83
N ASN B 200 36.76 -24.47 13.46
CA ASN B 200 36.68 -24.33 14.94
C ASN B 200 35.65 -25.34 15.50
N LEU B 201 34.63 -25.69 14.71
CA LEU B 201 33.60 -26.70 15.10
C LEU B 201 34.20 -28.09 15.12
N THR B 202 34.92 -28.48 14.07
CA THR B 202 35.37 -29.87 13.81
C THR B 202 36.76 -30.13 14.41
N VAL B 203 37.29 -29.23 15.25
CA VAL B 203 38.68 -29.33 15.80
C VAL B 203 38.81 -30.52 16.75
N PRO B 204 37.79 -30.91 17.55
CA PRO B 204 37.93 -32.06 18.44
C PRO B 204 38.12 -33.43 17.75
N ILE B 205 37.77 -33.55 16.46
CA ILE B 205 37.83 -34.84 15.70
C ILE B 205 38.78 -34.71 14.50
N LYS B 206 39.62 -33.67 14.45
CA LYS B 206 40.49 -33.36 13.28
C LYS B 206 41.61 -34.40 13.17
N GLU B 207 42.27 -34.72 14.29
CA GLU B 207 43.41 -35.68 14.34
C GLU B 207 42.93 -37.08 13.96
N GLN B 208 41.75 -37.49 14.43
CA GLN B 208 41.14 -38.81 14.09
C GLN B 208 40.76 -38.83 12.61
N ALA B 209 40.21 -37.72 12.09
CA ALA B 209 39.82 -37.54 10.68
C ALA B 209 41.07 -37.59 9.79
N THR B 210 42.19 -37.02 10.25
CA THR B 210 43.49 -37.04 9.53
C THR B 210 43.97 -38.48 9.40
N ASP B 211 43.90 -39.25 10.49
CA ASP B 211 44.34 -40.67 10.56
C ASP B 211 43.46 -41.53 9.65
N LEU B 213 41.72 -40.67 7.07
CA LEU B 213 41.96 -40.29 5.66
C LEU B 213 43.34 -40.75 5.23
N ASN B 214 44.29 -40.86 6.16
CA ASN B 214 45.66 -41.34 5.85
C ASN B 214 45.59 -42.83 5.52
N ASP B 215 44.65 -43.56 6.13
CA ASP B 215 44.51 -45.02 5.94
C ASP B 215 43.82 -45.35 4.60
N GLN B 216 43.36 -44.36 3.85
CA GLN B 216 42.68 -44.59 2.54
C GLN B 216 43.48 -43.91 1.43
N GLY B 217 44.73 -43.52 1.70
CA GLY B 217 45.61 -42.85 0.73
C GLY B 217 45.11 -41.46 0.37
N LEU B 218 44.54 -40.75 1.35
CA LEU B 218 43.98 -39.38 1.18
C LEU B 218 44.60 -38.42 2.20
N SER B 219 44.74 -37.16 1.82
CA SER B 219 45.27 -36.05 2.66
C SER B 219 44.12 -35.17 3.13
N ILE B 220 44.12 -34.79 4.42
CA ILE B 220 43.07 -33.90 5.01
C ILE B 220 43.15 -32.51 4.36
N ASP B 221 44.30 -32.14 3.79
CA ASP B 221 44.52 -30.83 3.11
C ASP B 221 43.66 -30.73 1.84
N ASP B 222 43.21 -31.85 1.28
CA ASP B 222 42.40 -31.88 0.02
C ASP B 222 40.90 -31.79 0.33
N TYR B 223 40.50 -31.94 1.61
CA TYR B 223 39.08 -32.02 2.03
C TYR B 223 38.75 -30.94 3.08
N VAL B 224 37.45 -30.62 3.17
CA VAL B 224 36.85 -29.83 4.28
C VAL B 224 35.89 -30.75 5.04
N LEU B 225 35.92 -30.71 6.37
CA LEU B 225 35.07 -31.54 7.26
C LEU B 225 33.72 -30.84 7.46
N PHE B 226 32.64 -31.44 6.93
CA PHE B 226 31.24 -30.98 7.07
C PHE B 226 30.61 -31.69 8.27
N PRO B 227 30.01 -30.94 9.23
CA PRO B 227 29.08 -31.53 10.21
C PRO B 227 27.89 -32.17 9.50
N VAL B 228 27.49 -33.36 9.95
CA VAL B 228 26.34 -34.13 9.38
C VAL B 228 25.41 -34.56 10.52
N HIS B 229 24.10 -34.46 10.30
CA HIS B 229 23.06 -34.99 11.23
C HIS B 229 23.12 -36.51 11.21
N PRO B 230 23.11 -37.18 12.39
CA PRO B 230 23.30 -38.64 12.45
C PRO B 230 22.28 -39.41 11.59
N TRP B 231 21.02 -38.98 11.60
CA TRP B 231 19.92 -39.56 10.78
C TRP B 231 20.27 -39.43 9.29
N GLN B 232 20.70 -38.23 8.87
CA GLN B 232 21.10 -37.93 7.47
C GLN B 232 22.32 -38.80 7.11
N TYR B 233 23.25 -38.97 8.04
CA TYR B 233 24.55 -39.66 7.85
C TYR B 233 24.34 -41.13 7.47
N GLN B 234 23.30 -41.79 7.99
CA GLN B 234 23.15 -43.27 7.84
C GLN B 234 22.00 -43.65 6.89
N HIS B 235 21.03 -42.76 6.64
CA HIS B 235 19.81 -43.06 5.86
C HIS B 235 19.82 -42.41 4.47
N ILE B 236 20.56 -41.33 4.26
CA ILE B 236 20.48 -40.50 3.01
C ILE B 236 21.84 -40.46 2.30
N LEU B 237 22.90 -40.00 2.97
CA LEU B 237 24.22 -39.73 2.34
C LEU B 237 24.78 -40.97 1.65
N PRO B 238 24.71 -42.18 2.25
CA PRO B 238 25.18 -43.41 1.58
C PRO B 238 24.54 -43.70 0.21
N ASN B 239 23.34 -43.18 -0.03
CA ASN B 239 22.51 -43.47 -1.24
C ASN B 239 22.55 -42.27 -2.20
N VAL B 240 22.33 -41.06 -1.70
CA VAL B 240 22.32 -39.81 -2.52
C VAL B 240 23.74 -39.54 -3.07
N PHE B 241 24.78 -39.91 -2.31
CA PHE B 241 26.20 -39.73 -2.70
C PHE B 241 26.90 -41.08 -2.86
N ALA B 242 26.18 -42.10 -3.34
CA ALA B 242 26.71 -43.48 -3.52
C ALA B 242 27.88 -43.45 -4.52
N THR B 243 27.70 -42.76 -5.65
CA THR B 243 28.73 -42.61 -6.73
C THR B 243 29.92 -41.79 -6.21
N GLU B 244 29.64 -40.71 -5.48
CA GLU B 244 30.66 -39.75 -4.97
C GLU B 244 31.51 -40.42 -3.88
N ILE B 245 30.90 -41.28 -3.07
CA ILE B 245 31.61 -42.04 -1.99
C ILE B 245 32.60 -43.03 -2.62
N SER B 246 32.25 -43.65 -3.77
CA SER B 246 33.11 -44.59 -4.52
C SER B 246 34.37 -43.88 -5.04
N GLU B 247 34.22 -42.64 -5.54
CA GLU B 247 35.32 -41.87 -6.19
C GLU B 247 36.09 -41.04 -5.15
N LYS B 248 35.76 -41.17 -3.85
CA LYS B 248 36.44 -40.47 -2.72
C LYS B 248 36.23 -38.96 -2.80
N LEU B 249 35.10 -38.50 -3.37
CA LEU B 249 34.72 -37.06 -3.42
C LEU B 249 34.05 -36.68 -2.09
N VAL B 250 33.27 -37.61 -1.53
CA VAL B 250 32.71 -37.54 -0.14
C VAL B 250 33.22 -38.75 0.63
N VAL B 251 33.73 -38.54 1.85
CA VAL B 251 34.21 -39.62 2.74
C VAL B 251 33.44 -39.53 4.07
N LEU B 252 32.59 -40.52 4.34
CA LEU B 252 31.81 -40.63 5.60
C LEU B 252 32.72 -41.12 6.72
N LEU B 253 33.06 -40.25 7.67
CA LEU B 253 33.89 -40.57 8.86
C LEU B 253 32.99 -40.62 10.09
N PRO B 254 32.84 -41.80 10.76
CA PRO B 254 32.00 -41.90 11.94
C PRO B 254 32.70 -41.29 13.16
N LEU B 255 32.72 -39.95 13.22
CA LEU B 255 33.42 -39.18 14.28
C LEU B 255 32.41 -38.27 14.98
N LYS B 256 32.00 -38.66 16.19
CA LYS B 256 31.05 -37.89 17.03
C LYS B 256 31.78 -36.68 17.62
N PHE B 257 31.13 -35.52 17.61
CA PHE B 257 31.62 -34.29 18.27
C PHE B 257 30.44 -33.40 18.67
N GLY B 258 30.64 -32.61 19.74
CA GLY B 258 29.70 -31.57 20.20
C GLY B 258 28.53 -32.15 20.96
N ASP B 259 27.71 -31.25 21.50
CA ASP B 259 26.46 -31.56 22.25
C ASP B 259 25.36 -30.68 21.64
N TYR B 260 24.50 -31.24 20.80
CA TYR B 260 23.49 -30.48 20.03
C TYR B 260 22.09 -30.95 20.40
N LEU B 261 21.20 -29.97 20.56
CA LEU B 261 19.75 -30.17 20.77
C LEU B 261 19.02 -29.66 19.53
N SER B 262 17.90 -30.28 19.17
CA SER B 262 16.96 -29.74 18.15
C SER B 262 16.35 -28.44 18.69
N SER B 263 16.09 -27.48 17.81
CA SER B 263 15.35 -26.23 18.12
C SER B 263 13.86 -26.46 17.78
N SER B 264 13.11 -25.39 17.50
CA SER B 264 11.76 -25.46 16.89
C SER B 264 11.86 -26.23 15.56
N SER B 265 13.00 -26.07 14.87
CA SER B 265 13.40 -26.86 13.68
C SER B 265 14.34 -28.01 14.09
N ARG B 267 16.37 -29.30 11.90
CA ARG B 267 17.56 -29.06 11.05
C ARG B 267 18.47 -28.04 11.73
N SER B 268 17.91 -26.99 12.33
CA SER B 268 18.66 -25.94 13.06
C SER B 268 18.96 -26.42 14.49
N LEU B 269 20.21 -26.80 14.77
CA LEU B 269 20.63 -27.46 16.03
C LEU B 269 21.27 -26.45 16.98
N ILE B 270 20.91 -26.52 18.27
CA ILE B 270 21.42 -25.61 19.33
C ILE B 270 22.65 -26.24 19.98
N ASP B 271 23.80 -25.56 19.89
CA ASP B 271 25.01 -25.86 20.71
C ASP B 271 24.66 -25.53 22.16
N ILE B 272 24.50 -26.54 23.02
CA ILE B 272 23.97 -26.36 24.41
C ILE B 272 24.98 -25.53 25.23
N GLY B 273 26.26 -25.53 24.87
CA GLY B 273 27.32 -24.73 25.52
C GLY B 273 27.34 -23.27 25.08
N ALA B 274 26.82 -22.96 23.89
CA ALA B 274 26.67 -21.59 23.34
C ALA B 274 25.34 -21.50 22.61
N PRO B 275 24.21 -21.36 23.32
CA PRO B 275 22.88 -21.52 22.72
C PRO B 275 22.44 -20.43 21.71
N TYR B 276 23.25 -19.39 21.51
CA TYR B 276 23.02 -18.33 20.50
C TYR B 276 23.85 -18.59 19.23
N ASN B 277 24.46 -19.77 19.13
CA ASN B 277 25.22 -20.22 17.93
C ASN B 277 24.64 -21.54 17.46
N HIS B 278 23.79 -21.51 16.43
CA HIS B 278 23.06 -22.69 15.89
C HIS B 278 23.79 -23.21 14.65
N VAL B 279 23.74 -24.54 14.44
CA VAL B 279 24.33 -25.22 13.25
C VAL B 279 23.18 -25.84 12.45
N LYS B 280 22.87 -25.29 11.28
CA LYS B 280 21.85 -25.84 10.34
C LYS B 280 22.52 -26.96 9.52
N VAL B 281 21.90 -28.14 9.51
CA VAL B 281 22.38 -29.31 8.73
C VAL B 281 21.15 -30.00 8.11
N PRO B 282 21.27 -30.55 6.89
CA PRO B 282 20.18 -31.31 6.28
C PRO B 282 19.67 -32.49 7.13
N PHE B 283 18.36 -32.74 7.02
CA PHE B 283 17.60 -33.81 7.71
C PHE B 283 16.39 -34.10 6.83
N ALA B 284 16.57 -34.97 5.83
CA ALA B 284 15.65 -35.19 4.69
C ALA B 284 14.48 -36.05 5.13
N GLN B 286 9.91 -35.54 6.10
N GLN B 286 9.93 -35.49 6.16
CA GLN B 286 8.76 -34.81 5.53
CA GLN B 286 8.78 -34.80 5.55
C GLN B 286 7.96 -34.20 6.69
C GLN B 286 7.92 -34.20 6.66
N SER B 287 8.00 -32.87 6.78
CA SER B 287 7.25 -32.05 7.76
C SER B 287 6.30 -31.11 7.01
N LEU B 288 5.04 -31.04 7.46
CA LEU B 288 3.95 -30.21 6.87
C LEU B 288 3.77 -30.58 5.39
N GLY B 289 3.94 -31.86 5.04
CA GLY B 289 3.58 -32.42 3.72
C GLY B 289 4.65 -32.25 2.66
N ALA B 290 5.78 -31.62 2.98
CA ALA B 290 6.87 -31.38 2.02
C ALA B 290 8.16 -32.01 2.53
N LEU B 291 9.07 -32.37 1.62
CA LEU B 291 10.42 -32.85 1.98
C LEU B 291 11.18 -31.66 2.57
N ARG B 292 11.74 -31.81 3.77
CA ARG B 292 12.51 -30.72 4.41
C ARG B 292 13.91 -30.74 3.82
N LEU B 293 14.20 -29.84 2.89
CA LEU B 293 15.51 -29.79 2.21
C LEU B 293 15.70 -28.41 1.58
N THR B 294 16.65 -27.63 2.10
CA THR B 294 17.03 -26.30 1.56
C THR B 294 17.99 -26.52 0.40
N PRO B 295 17.60 -26.17 -0.85
CA PRO B 295 18.54 -26.19 -1.97
C PRO B 295 19.68 -25.19 -1.75
N THR B 296 20.85 -25.46 -2.33
CA THR B 296 22.07 -24.62 -2.19
C THR B 296 21.79 -23.19 -2.65
N ARG B 297 20.97 -22.99 -3.69
CA ARG B 297 20.71 -21.66 -4.31
C ARG B 297 19.87 -20.79 -3.35
N TYR B 298 19.10 -21.40 -2.45
CA TYR B 298 18.26 -20.68 -1.45
C TYR B 298 19.17 -19.99 -0.42
N LYS B 300 22.17 -18.82 -1.16
CA LYS B 300 22.65 -17.66 -1.95
C LYS B 300 21.56 -16.58 -1.98
N ASN B 301 20.30 -16.99 -2.11
CA ASN B 301 19.13 -16.06 -2.10
C ASN B 301 19.01 -15.41 -0.72
N GLY B 302 19.20 -16.19 0.35
CA GLY B 302 19.14 -15.73 1.75
C GLY B 302 20.21 -14.69 2.04
N GLU B 303 21.37 -14.78 1.38
CA GLU B 303 22.49 -13.81 1.51
C GLU B 303 22.05 -12.45 0.98
N GLN B 304 21.41 -12.43 -0.19
CA GLN B 304 20.93 -11.20 -0.87
C GLN B 304 19.79 -10.58 -0.04
N ALA B 305 18.90 -11.41 0.50
CA ALA B 305 17.77 -10.99 1.36
C ALA B 305 18.31 -10.30 2.62
N GLU B 306 19.31 -10.91 3.27
CA GLU B 306 19.91 -10.41 4.54
C GLU B 306 20.54 -9.04 4.31
N GLN B 307 21.25 -8.85 3.19
CA GLN B 307 21.83 -7.53 2.79
C GLN B 307 20.71 -6.47 2.75
N LEU B 308 19.58 -6.79 2.13
CA LEU B 308 18.42 -5.86 1.96
C LEU B 308 17.81 -5.55 3.33
N LEU B 309 17.62 -6.55 4.19
CA LEU B 309 17.01 -6.37 5.53
C LEU B 309 17.89 -5.42 6.37
N ARG B 310 19.22 -5.54 6.27
CA ARG B 310 20.18 -4.72 7.05
C ARG B 310 20.18 -3.28 6.52
N GLN B 311 20.10 -3.10 5.20
CA GLN B 311 19.95 -1.78 4.53
C GLN B 311 18.72 -1.07 5.10
N LEU B 312 17.60 -1.78 5.23
CA LEU B 312 16.29 -1.22 5.69
C LEU B 312 16.34 -0.93 7.19
N ILE B 313 16.98 -1.79 7.99
CA ILE B 313 17.18 -1.57 9.46
C ILE B 313 18.03 -0.30 9.65
N GLU B 314 19.05 -0.12 8.81
CA GLU B 314 19.96 1.06 8.84
C GLU B 314 19.20 2.33 8.42
N LYS B 315 18.21 2.19 7.54
CA LYS B 315 17.51 3.31 6.85
C LYS B 315 16.31 3.79 7.68
N ASP B 316 15.45 2.88 8.13
CA ASP B 316 14.16 3.20 8.80
C ASP B 316 14.37 3.42 10.29
N GLU B 317 13.59 4.33 10.87
CA GLU B 317 13.67 4.76 12.31
C GLU B 317 13.08 3.67 13.21
N ALA B 318 11.94 3.08 12.81
CA ALA B 318 11.22 2.03 13.56
C ALA B 318 12.03 0.73 13.55
N LEU B 319 12.56 0.33 12.38
CA LEU B 319 13.33 -0.92 12.19
C LEU B 319 14.67 -0.84 12.94
N ALA B 320 15.30 0.35 12.98
CA ALA B 320 16.57 0.60 13.68
C ALA B 320 16.38 0.40 15.18
N LYS B 321 15.22 0.81 15.70
CA LYS B 321 14.89 0.75 17.15
C LYS B 321 14.69 -0.71 17.60
N TYR B 322 13.95 -1.49 16.82
CA TYR B 322 13.38 -2.80 17.25
C TYR B 322 14.16 -3.98 16.64
N VAL B 323 14.48 -3.94 15.35
CA VAL B 323 14.80 -5.19 14.59
C VAL B 323 16.30 -5.48 14.64
N VAL B 325 18.71 -9.10 13.11
CA VAL B 325 18.57 -10.32 12.27
C VAL B 325 19.71 -11.28 12.61
N CYS B 326 19.48 -12.56 12.32
CA CYS B 326 20.48 -13.64 12.44
C CYS B 326 21.48 -13.52 11.29
N ASP B 327 22.77 -13.69 11.59
CA ASP B 327 23.84 -13.82 10.57
C ASP B 327 23.78 -15.24 10.01
N GLU B 328 23.37 -15.38 8.75
CA GLU B 328 23.23 -16.68 8.03
C GLU B 328 24.18 -16.71 6.82
N THR B 329 25.23 -15.89 6.84
CA THR B 329 26.15 -15.68 5.68
C THR B 329 27.18 -16.81 5.59
N ALA B 330 27.60 -17.37 6.73
CA ALA B 330 28.58 -18.47 6.83
C ALA B 330 27.90 -19.79 6.46
N TRP B 331 28.01 -20.23 5.21
CA TRP B 331 27.46 -21.53 4.74
C TRP B 331 28.41 -22.16 3.72
N TRP B 332 28.41 -23.50 3.69
CA TRP B 332 29.20 -24.33 2.74
C TRP B 332 28.26 -25.37 2.13
N SER B 333 28.52 -25.75 0.88
CA SER B 333 27.71 -26.72 0.10
C SER B 333 28.62 -27.58 -0.77
N TYR B 334 28.22 -28.84 -0.98
CA TYR B 334 28.78 -29.70 -2.03
C TYR B 334 28.44 -29.09 -3.40
N GLY B 336 28.87 -30.33 -7.65
CA GLY B 336 29.31 -31.28 -8.68
C GLY B 336 30.29 -30.62 -9.65
N GLN B 337 31.06 -31.41 -10.40
CA GLN B 337 32.09 -30.90 -11.35
C GLN B 337 31.40 -30.21 -12.54
N ASP B 338 30.12 -30.49 -12.78
CA ASP B 338 29.30 -29.82 -13.84
C ASP B 338 28.98 -28.37 -13.43
N ASN B 339 29.11 -28.04 -12.14
CA ASN B 339 28.89 -26.67 -11.56
C ASN B 339 27.43 -26.25 -11.77
N ASP B 340 26.49 -27.20 -11.73
CA ASP B 340 25.03 -26.95 -11.82
C ASP B 340 24.48 -26.81 -10.39
N ILE B 341 24.19 -25.57 -9.97
CA ILE B 341 23.68 -25.24 -8.61
C ILE B 341 22.23 -25.74 -8.46
N PHE B 342 21.52 -25.95 -9.57
CA PHE B 342 20.08 -26.33 -9.57
C PHE B 342 19.87 -27.82 -9.28
N LYS B 343 20.94 -28.61 -9.12
CA LYS B 343 20.83 -30.06 -8.76
C LYS B 343 20.21 -30.18 -7.36
N ASP B 344 19.24 -31.08 -7.21
CA ASP B 344 18.57 -31.39 -5.92
C ASP B 344 19.58 -32.06 -4.97
N GLN B 345 20.56 -32.77 -5.52
CA GLN B 345 21.61 -33.51 -4.76
C GLN B 345 22.34 -32.57 -3.79
N LEU B 346 22.61 -31.32 -4.20
CA LEU B 346 23.52 -30.40 -3.46
C LEU B 346 22.97 -30.09 -2.07
N GLY B 347 21.65 -29.99 -1.92
CA GLY B 347 20.97 -29.63 -0.66
C GLY B 347 21.21 -30.64 0.45
N HIS B 348 21.48 -31.91 0.11
CA HIS B 348 21.65 -33.04 1.06
C HIS B 348 22.99 -32.96 1.80
N LEU B 349 23.97 -32.22 1.27
CA LEU B 349 25.33 -32.09 1.87
C LEU B 349 25.71 -30.60 1.94
N THR B 350 25.16 -29.91 2.94
CA THR B 350 25.41 -28.47 3.23
C THR B 350 25.61 -28.29 4.74
N VAL B 351 26.16 -27.13 5.13
CA VAL B 351 26.22 -26.68 6.54
C VAL B 351 26.11 -25.15 6.54
N GLN B 352 25.28 -24.61 7.42
CA GLN B 352 25.02 -23.15 7.55
C GLN B 352 25.05 -22.79 9.05
N LEU B 353 25.89 -21.84 9.42
CA LEU B 353 26.02 -21.36 10.83
C LEU B 353 25.04 -20.19 11.05
N ARG B 354 24.26 -20.26 12.13
CA ARG B 354 23.34 -19.19 12.57
C ARG B 354 23.91 -18.52 13.81
N LYS B 355 24.29 -17.24 13.69
CA LYS B 355 24.75 -16.41 14.83
C LYS B 355 23.64 -15.41 15.19
N TYR B 356 23.05 -15.59 16.37
CA TYR B 356 22.07 -14.65 16.96
C TYR B 356 22.84 -13.45 17.50
N PRO B 357 22.23 -12.24 17.50
CA PRO B 357 22.93 -11.03 17.92
C PRO B 357 23.75 -11.22 19.21
N GLU B 358 25.01 -10.78 19.18
CA GLU B 358 26.01 -10.98 20.26
C GLU B 358 25.53 -10.28 21.56
N VAL B 359 24.90 -9.12 21.43
CA VAL B 359 24.39 -8.28 22.56
C VAL B 359 23.33 -9.05 23.37
N LEU B 360 22.54 -9.93 22.73
CA LEU B 360 21.50 -10.76 23.42
C LEU B 360 22.16 -11.80 24.32
N ALA B 361 23.23 -12.45 23.83
CA ALA B 361 23.94 -13.55 24.53
C ALA B 361 24.56 -13.03 25.83
N LYS B 362 24.97 -11.76 25.87
CA LYS B 362 25.66 -11.12 27.03
C LYS B 362 24.64 -10.46 27.97
N ASN B 363 23.37 -10.36 27.57
CA ASN B 363 22.26 -9.80 28.39
C ASN B 363 21.45 -10.96 28.98
N ASP B 364 21.52 -11.17 30.30
CA ASP B 364 20.85 -12.31 30.98
C ASP B 364 19.56 -11.84 31.68
N THR B 365 19.24 -10.54 31.62
CA THR B 365 17.97 -9.96 32.14
C THR B 365 16.87 -10.11 31.08
N GLN B 366 17.23 -10.22 29.80
CA GLN B 366 16.26 -10.38 28.68
C GLN B 366 16.02 -11.87 28.42
N GLN B 367 14.84 -12.18 27.87
CA GLN B 367 14.40 -13.57 27.53
C GLN B 367 13.91 -13.58 26.08
N LEU B 368 14.64 -14.24 25.19
CA LEU B 368 14.32 -14.35 23.74
C LEU B 368 13.30 -15.48 23.56
N VAL B 369 12.11 -15.14 23.06
CA VAL B 369 10.96 -16.08 22.89
C VAL B 369 10.41 -15.96 21.48
N SER B 370 10.35 -17.09 20.76
CA SER B 370 9.71 -17.18 19.42
C SER B 370 8.20 -16.99 19.58
N ALA B 372 6.03 -18.42 17.89
CA ALA B 372 5.46 -19.78 17.75
C ALA B 372 5.29 -20.40 19.14
N ALA B 373 6.22 -20.14 20.06
CA ALA B 373 6.22 -20.67 21.44
C ALA B 373 5.07 -20.06 22.24
N LEU B 374 4.69 -18.82 21.96
CA LEU B 374 3.60 -18.10 22.68
C LEU B 374 2.23 -18.65 22.26
N ALA B 375 2.14 -19.43 21.17
CA ALA B 375 0.89 -20.09 20.71
C ALA B 375 0.66 -21.40 21.47
N ALA B 376 1.65 -21.88 22.23
CA ALA B 376 1.55 -23.12 23.03
C ALA B 376 0.59 -22.88 24.21
N ASN B 377 -0.34 -23.82 24.44
CA ASN B 377 -1.34 -23.76 25.54
C ASN B 377 -0.62 -24.15 26.83
N ASP B 378 0.21 -23.25 27.36
CA ASP B 378 0.97 -23.46 28.62
C ASP B 378 1.29 -22.09 29.24
N ARG B 379 1.20 -22.00 30.57
CA ARG B 379 1.36 -20.73 31.34
C ARG B 379 2.83 -20.32 31.43
N THR B 380 3.76 -21.29 31.31
CA THR B 380 5.17 -21.18 31.76
C THR B 380 5.85 -19.94 31.16
N LEU B 381 5.77 -19.74 29.84
CA LEU B 381 6.46 -18.62 29.15
C LEU B 381 5.81 -17.29 29.56
N TYR B 382 4.49 -17.27 29.70
CA TYR B 382 3.71 -16.06 30.09
C TYR B 382 4.05 -15.69 31.54
N GLN B 383 4.23 -16.69 32.40
CA GLN B 383 4.66 -16.50 33.83
C GLN B 383 6.08 -15.94 33.85
N ILE B 385 7.77 -14.26 31.41
CA ILE B 385 7.81 -12.91 30.78
C ILE B 385 7.27 -11.91 31.81
N CYS B 386 6.12 -12.19 32.43
CA CYS B 386 5.45 -11.34 33.46
C CYS B 386 6.22 -11.39 34.78
N GLY B 387 6.96 -12.48 35.04
CA GLY B 387 7.75 -12.68 36.27
C GLY B 387 6.86 -13.01 37.47
N LYS B 388 5.68 -13.59 37.25
CA LYS B 388 4.67 -13.89 38.30
C LYS B 388 3.57 -14.82 37.76
N ASP B 389 2.94 -15.58 38.65
CA ASP B 389 1.83 -16.51 38.34
C ASP B 389 0.50 -15.73 38.25
N ASN B 390 0.33 -14.74 39.13
CA ASN B 390 -0.94 -14.00 39.34
C ASN B 390 -1.12 -12.99 38.20
N ILE B 391 -1.34 -13.49 36.98
CA ILE B 391 -1.54 -12.68 35.74
C ILE B 391 -3.04 -12.39 35.60
N SER B 392 -3.41 -11.11 35.77
CA SER B 392 -4.81 -10.62 35.62
C SER B 392 -5.16 -10.50 34.13
N LYS B 393 -6.44 -10.28 33.82
CA LYS B 393 -6.95 -10.15 32.44
C LYS B 393 -6.38 -8.87 31.81
N ASN B 394 -6.19 -7.82 32.61
CA ASN B 394 -5.64 -6.52 32.15
C ASN B 394 -4.12 -6.65 31.91
N ASP B 395 -3.43 -7.48 32.71
CA ASP B 395 -1.96 -7.73 32.57
C ASP B 395 -1.69 -8.35 31.20
N VAL B 396 -2.41 -9.41 30.84
CA VAL B 396 -2.15 -10.22 29.60
C VAL B 396 -2.64 -9.44 28.38
N THR B 398 -2.60 -6.12 28.15
CA THR B 398 -1.56 -5.10 28.02
C THR B 398 -0.34 -5.72 27.34
N LEU B 399 -0.01 -6.97 27.68
CA LEU B 399 1.14 -7.72 27.09
C LEU B 399 0.88 -7.98 25.60
N PHE B 400 -0.32 -8.48 25.26
CA PHE B 400 -0.72 -8.78 23.86
C PHE B 400 -0.72 -7.48 23.03
N GLU B 401 -1.22 -6.38 23.60
CA GLU B 401 -1.27 -5.05 22.94
C GLU B 401 0.16 -4.63 22.56
N ASP B 402 1.13 -4.87 23.45
CA ASP B 402 2.55 -4.51 23.26
C ASP B 402 3.16 -5.39 22.16
N ILE B 403 2.87 -6.69 22.18
CA ILE B 403 3.39 -7.68 21.18
C ILE B 403 2.87 -7.29 19.80
N ALA B 404 1.57 -7.02 19.68
CA ALA B 404 0.87 -6.70 18.40
C ALA B 404 1.34 -5.34 17.87
N GLN B 405 1.56 -4.36 18.75
CA GLN B 405 2.02 -2.99 18.38
C GLN B 405 3.39 -3.06 17.71
N VAL B 406 4.35 -3.70 18.38
CA VAL B 406 5.77 -3.79 17.90
C VAL B 406 5.82 -4.66 16.65
N PHE B 407 5.14 -5.82 16.66
CA PHE B 407 5.19 -6.81 15.57
C PHE B 407 4.63 -6.20 14.27
N LEU B 408 3.45 -5.58 14.34
CA LEU B 408 2.75 -4.99 13.17
C LEU B 408 3.48 -3.72 12.70
N LYS B 409 4.05 -2.93 13.63
CA LYS B 409 4.86 -1.73 13.28
C LYS B 409 6.09 -2.19 12.48
N VAL B 410 6.80 -3.20 12.99
CA VAL B 410 8.04 -3.76 12.37
C VAL B 410 7.69 -4.36 11.01
N THR B 411 6.61 -5.15 10.92
CA THR B 411 6.21 -5.88 9.68
C THR B 411 5.87 -4.88 8.57
N LEU B 412 5.03 -3.88 8.86
CA LEU B 412 4.55 -2.88 7.87
C LEU B 412 5.67 -1.91 7.51
N SER B 413 6.58 -1.62 8.45
CA SER B 413 7.76 -0.75 8.24
C SER B 413 8.74 -1.40 7.26
N PHE B 414 8.81 -2.73 7.21
CA PHE B 414 9.56 -3.48 6.18
C PHE B 414 8.80 -3.39 4.85
N GLN B 416 6.69 -1.33 3.51
CA GLN B 416 6.56 -0.03 2.81
C GLN B 416 7.65 0.10 1.74
N TYR B 417 8.81 -0.52 1.95
CA TYR B 417 9.99 -0.47 1.03
C TYR B 417 9.86 -1.53 -0.06
N GLY B 418 8.91 -2.46 0.06
CA GLY B 418 8.71 -3.56 -0.90
C GLY B 418 9.54 -4.78 -0.51
N ALA B 419 9.51 -5.15 0.77
CA ALA B 419 10.24 -6.30 1.35
C ALA B 419 9.40 -6.90 2.47
N LEU B 420 9.05 -8.19 2.37
CA LEU B 420 8.25 -8.89 3.41
C LEU B 420 8.97 -10.17 3.80
N PRO B 421 9.57 -10.23 5.01
CA PRO B 421 10.05 -11.49 5.58
C PRO B 421 8.86 -12.44 5.81
N GLU B 422 9.12 -13.75 5.74
CA GLU B 422 8.11 -14.80 6.00
C GLU B 422 7.85 -14.84 7.51
N LEU B 423 6.92 -14.01 7.99
CA LEU B 423 6.76 -13.69 9.43
C LEU B 423 5.63 -14.52 10.06
N HIS B 424 5.70 -15.84 9.93
CA HIS B 424 5.00 -16.80 10.83
C HIS B 424 5.79 -16.88 12.15
N GLY B 425 5.15 -17.40 13.20
CA GLY B 425 5.68 -17.42 14.58
C GLY B 425 7.11 -17.91 14.68
N GLN B 426 7.47 -18.96 13.93
CA GLN B 426 8.77 -19.67 14.07
C GLN B 426 9.92 -18.79 13.54
N ASN B 427 9.66 -17.85 12.64
CA ASN B 427 10.72 -17.05 11.96
C ASN B 427 11.04 -15.76 12.74
N ILE B 428 10.25 -15.40 13.76
CA ILE B 428 10.45 -14.13 14.51
C ILE B 428 10.45 -14.39 16.02
N LEU B 429 11.41 -13.80 16.72
CA LEU B 429 11.58 -13.93 18.19
C LEU B 429 11.55 -12.54 18.84
N LEU B 430 11.02 -12.47 20.06
CA LEU B 430 10.88 -11.22 20.84
C LEU B 430 11.79 -11.27 22.06
N SER B 431 12.63 -10.26 22.25
CA SER B 431 13.46 -10.04 23.46
C SER B 431 12.62 -9.30 24.51
N PHE B 432 12.20 -9.98 25.57
CA PHE B 432 11.34 -9.43 26.65
C PHE B 432 12.20 -8.96 27.84
N GLU B 433 11.98 -7.73 28.32
CA GLU B 433 12.52 -7.20 29.60
C GLU B 433 11.42 -6.41 30.33
N ASP B 434 11.29 -6.63 31.64
CA ASP B 434 10.28 -5.97 32.51
C ASP B 434 8.88 -6.21 31.92
N GLY B 435 8.69 -7.36 31.28
CA GLY B 435 7.41 -7.78 30.70
C GLY B 435 7.04 -7.01 29.43
N ARG B 436 8.01 -6.37 28.77
CA ARG B 436 7.71 -5.59 27.54
C ARG B 436 8.65 -6.02 26.41
N VAL B 437 8.22 -5.88 25.16
CA VAL B 437 9.04 -6.23 23.98
C VAL B 437 10.10 -5.16 23.80
N GLN B 438 11.37 -5.54 23.83
CA GLN B 438 12.51 -4.61 23.60
C GLN B 438 12.94 -4.69 22.14
N LYS B 439 13.10 -5.91 21.59
CA LYS B 439 13.67 -6.14 20.25
C LYS B 439 12.93 -7.27 19.52
N CYS B 440 13.06 -7.29 18.19
CA CYS B 440 12.65 -8.40 17.29
C CYS B 440 13.90 -9.02 16.67
N VAL B 441 13.90 -10.36 16.55
CA VAL B 441 15.01 -11.11 15.89
C VAL B 441 14.41 -11.96 14.76
N LEU B 442 14.82 -11.69 13.52
CA LEU B 442 14.36 -12.45 12.32
C LEU B 442 15.39 -13.53 12.00
N ARG B 443 14.91 -14.66 11.49
CA ARG B 443 15.75 -15.78 10.97
C ARG B 443 15.06 -16.38 9.73
N ASP B 444 15.72 -17.31 9.05
CA ASP B 444 15.24 -17.98 7.81
C ASP B 444 15.00 -16.91 6.73
N HIS B 445 16.08 -16.27 6.26
CA HIS B 445 16.04 -15.09 5.35
C HIS B 445 15.82 -15.53 3.88
N ASP B 446 15.86 -16.84 3.59
CA ASP B 446 15.78 -17.37 2.19
C ASP B 446 14.38 -17.16 1.61
N THR B 447 13.37 -16.86 2.43
CA THR B 447 11.94 -16.72 2.01
C THR B 447 11.47 -15.26 2.18
N VAL B 448 12.33 -14.27 1.93
CA VAL B 448 11.93 -12.84 1.96
C VAL B 448 11.30 -12.49 0.60
N ARG B 449 10.08 -11.97 0.62
CA ARG B 449 9.30 -11.61 -0.59
C ARG B 449 9.55 -10.14 -0.94
N ILE B 450 9.48 -9.79 -2.21
CA ILE B 450 9.70 -8.39 -2.68
C ILE B 450 8.57 -7.97 -3.62
N TYR B 451 8.26 -6.67 -3.60
CA TYR B 451 7.42 -5.97 -4.59
C TYR B 451 8.32 -4.95 -5.30
N LYS B 452 8.71 -5.25 -6.54
CA LYS B 452 9.78 -4.52 -7.29
C LYS B 452 9.45 -3.04 -7.47
N PRO B 453 8.18 -2.65 -7.75
CA PRO B 453 7.83 -1.23 -7.90
C PRO B 453 8.13 -0.34 -6.68
N TRP B 454 7.91 -0.85 -5.47
CA TRP B 454 8.15 -0.12 -4.19
C TRP B 454 9.65 -0.06 -3.89
N LEU B 455 10.41 -1.10 -4.22
CA LEU B 455 11.90 -1.09 -4.11
C LEU B 455 12.45 -0.01 -5.06
N THR B 456 11.95 0.02 -6.30
CA THR B 456 12.35 0.97 -7.35
C THR B 456 12.00 2.40 -6.90
N ALA B 457 10.84 2.59 -6.28
CA ALA B 457 10.34 3.88 -5.77
C ALA B 457 11.24 4.41 -4.64
N HIS B 458 11.81 3.53 -3.82
CA HIS B 458 12.69 3.89 -2.66
C HIS B 458 14.17 3.90 -3.08
N GLN B 459 14.47 3.66 -4.36
CA GLN B 459 15.85 3.64 -4.93
C GLN B 459 16.69 2.52 -4.28
N LEU B 460 16.05 1.39 -3.93
CA LEU B 460 16.72 0.20 -3.34
C LEU B 460 17.11 -0.77 -4.45
N SER B 461 18.31 -1.36 -4.35
CA SER B 461 18.81 -2.41 -5.28
C SER B 461 17.95 -3.67 -5.14
N LEU B 462 17.50 -4.23 -6.25
CA LEU B 462 16.74 -5.50 -6.30
C LEU B 462 17.70 -6.63 -5.94
N PRO B 463 17.35 -7.52 -4.97
CA PRO B 463 18.17 -8.69 -4.67
C PRO B 463 18.50 -9.53 -5.92
N LYS B 464 19.75 -9.98 -6.03
CA LYS B 464 20.26 -10.77 -7.18
C LYS B 464 19.95 -12.25 -6.91
N TYR B 465 18.68 -12.65 -7.09
CA TYR B 465 18.22 -14.04 -6.83
C TYR B 465 18.70 -14.97 -7.96
N VAL B 466 18.70 -16.26 -7.67
CA VAL B 466 19.08 -17.36 -8.59
C VAL B 466 17.78 -18.08 -9.00
N VAL B 467 17.31 -17.85 -10.24
CA VAL B 467 16.06 -18.42 -10.78
C VAL B 467 16.12 -18.39 -12.32
N ASN B 473 9.78 -17.14 -10.45
CA ASN B 473 10.27 -16.53 -9.17
C ASN B 473 9.09 -16.33 -8.22
N THR B 474 8.87 -17.30 -7.32
CA THR B 474 7.82 -17.29 -6.26
C THR B 474 8.08 -16.16 -5.26
N LEU B 475 9.34 -15.70 -5.15
CA LEU B 475 9.79 -14.63 -4.21
C LEU B 475 9.38 -13.26 -4.73
N ILE B 476 9.43 -13.05 -6.06
CA ILE B 476 9.19 -11.74 -6.72
C ILE B 476 7.69 -11.63 -7.06
N ASN B 477 6.92 -10.97 -6.20
CA ASN B 477 5.44 -10.80 -6.33
C ASN B 477 5.16 -9.73 -7.38
N GLU B 478 4.34 -10.07 -8.39
CA GLU B 478 4.10 -9.21 -9.58
C GLU B 478 3.10 -8.10 -9.24
N ASP B 479 2.08 -8.41 -8.42
CA ASP B 479 1.03 -7.44 -8.01
C ASP B 479 1.03 -7.27 -6.49
N LEU B 480 0.37 -6.20 -6.02
CA LEU B 480 0.34 -5.79 -4.60
C LEU B 480 -0.54 -6.75 -3.78
N GLU B 481 -1.50 -7.42 -4.41
CA GLU B 481 -2.47 -8.33 -3.72
C GLU B 481 -1.73 -9.58 -3.25
N THR B 482 -0.84 -10.14 -4.09
CA THR B 482 -0.02 -11.35 -3.77
C THR B 482 1.02 -10.99 -2.72
N PHE B 483 1.60 -9.80 -2.79
CA PHE B 483 2.61 -9.30 -1.82
C PHE B 483 2.01 -9.27 -0.41
N PHE B 484 0.76 -8.81 -0.29
CA PHE B 484 0.07 -8.58 1.01
C PHE B 484 -0.54 -9.89 1.54
N ALA B 485 -0.70 -10.90 0.68
CA ALA B 485 -1.31 -12.20 1.05
C ALA B 485 -0.49 -12.89 2.15
N TYR B 486 0.84 -12.80 2.08
CA TYR B 486 1.77 -13.52 3.00
C TYR B 486 1.85 -12.78 4.34
N PHE B 487 1.43 -11.52 4.39
CA PHE B 487 1.19 -10.77 5.65
C PHE B 487 -0.17 -11.20 6.22
N GLN B 488 -1.21 -11.19 5.36
CA GLN B 488 -2.61 -11.48 5.74
C GLN B 488 -2.72 -12.90 6.29
N THR B 489 -2.06 -13.86 5.64
CA THR B 489 -2.10 -15.30 6.02
C THR B 489 -1.16 -15.53 7.21
N LEU B 490 0.16 -15.43 7.00
CA LEU B 490 1.18 -15.97 7.95
C LEU B 490 1.25 -15.10 9.22
N ALA B 491 1.33 -13.77 9.07
CA ALA B 491 1.58 -12.84 10.19
C ALA B 491 0.32 -12.65 11.05
N VAL B 492 -0.87 -12.61 10.45
CA VAL B 492 -2.13 -12.25 11.18
C VAL B 492 -2.96 -13.52 11.45
N SER B 493 -3.41 -14.19 10.40
CA SER B 493 -4.42 -15.30 10.45
C SER B 493 -3.82 -16.55 11.10
N VAL B 494 -2.50 -16.77 11.00
CA VAL B 494 -1.81 -17.94 11.61
C VAL B 494 -1.09 -17.48 12.89
N ASN B 495 -0.12 -16.57 12.78
CA ASN B 495 0.83 -16.21 13.87
C ASN B 495 0.09 -15.51 15.01
N LEU B 496 -0.44 -14.31 14.77
CA LEU B 496 -1.07 -13.46 15.82
C LEU B 496 -2.34 -14.13 16.36
N TYR B 497 -3.12 -14.82 15.51
CA TYR B 497 -4.40 -15.45 15.91
C TYR B 497 -4.13 -16.69 16.78
N ALA B 498 -3.02 -17.40 16.53
CA ALA B 498 -2.60 -18.57 17.33
C ALA B 498 -2.26 -18.12 18.75
N ILE B 499 -1.71 -16.91 18.90
CA ILE B 499 -1.40 -16.31 20.23
C ILE B 499 -2.72 -15.88 20.89
N ILE B 500 -3.65 -15.31 20.11
CA ILE B 500 -5.01 -14.93 20.61
C ILE B 500 -5.70 -16.20 21.12
N ASP B 501 -5.61 -17.30 20.36
CA ASP B 501 -6.23 -18.61 20.68
C ASP B 501 -5.66 -19.14 22.00
N ALA B 502 -4.33 -19.04 22.17
CA ALA B 502 -3.59 -19.54 23.36
C ALA B 502 -3.96 -18.73 24.59
N ILE B 503 -4.04 -17.40 24.47
CA ILE B 503 -4.35 -16.47 25.60
C ILE B 503 -5.78 -16.71 26.07
N GLN B 504 -6.71 -17.02 25.15
CA GLN B 504 -8.13 -17.32 25.45
C GLN B 504 -8.20 -18.62 26.27
N ASP B 505 -7.46 -19.66 25.87
CA ASP B 505 -7.47 -20.98 26.54
C ASP B 505 -6.84 -20.87 27.93
N LEU B 506 -5.76 -20.11 28.08
CA LEU B 506 -5.00 -20.00 29.36
C LEU B 506 -5.71 -19.06 30.33
N PHE B 507 -6.07 -17.84 29.90
CA PHE B 507 -6.48 -16.71 30.79
C PHE B 507 -7.97 -16.40 30.69
N GLY B 508 -8.69 -16.99 29.72
CA GLY B 508 -10.15 -16.82 29.58
C GLY B 508 -10.54 -15.47 29.01
N VAL B 509 -9.61 -14.74 28.38
CA VAL B 509 -9.89 -13.45 27.69
C VAL B 509 -10.51 -13.77 26.32
N SER B 510 -11.61 -13.11 25.98
CA SER B 510 -12.37 -13.33 24.72
C SER B 510 -11.48 -13.00 23.52
N GLU B 511 -11.44 -13.91 22.53
CA GLU B 511 -10.67 -13.74 21.27
C GLU B 511 -11.25 -12.56 20.46
N HIS B 512 -12.55 -12.28 20.61
CA HIS B 512 -13.25 -11.13 19.96
C HIS B 512 -12.70 -9.81 20.52
N GLU B 513 -12.47 -9.75 21.83
CA GLU B 513 -11.88 -8.57 22.53
C GLU B 513 -10.45 -8.36 22.04
N LEU B 514 -9.69 -9.43 21.83
CA LEU B 514 -8.26 -9.38 21.41
C LEU B 514 -8.17 -8.97 19.94
N SER B 516 -10.34 -7.10 18.37
CA SER B 516 -10.70 -5.66 18.39
C SER B 516 -9.45 -4.81 18.67
N LEU B 517 -8.58 -5.27 19.57
CA LEU B 517 -7.28 -4.60 19.87
C LEU B 517 -6.37 -4.67 18.64
N LEU B 518 -6.22 -5.88 18.06
CA LEU B 518 -5.37 -6.13 16.87
C LEU B 518 -5.84 -5.20 15.74
N LYS B 519 -7.15 -5.16 15.49
CA LYS B 519 -7.79 -4.36 14.41
C LYS B 519 -7.41 -2.88 14.56
N GLN B 520 -7.57 -2.33 15.76
CA GLN B 520 -7.34 -0.89 16.04
C GLN B 520 -5.84 -0.57 15.91
N ILE B 521 -4.97 -1.48 16.37
CA ILE B 521 -3.48 -1.33 16.24
C ILE B 521 -3.13 -1.35 14.75
N LEU B 522 -3.64 -2.32 14.00
CA LEU B 522 -3.38 -2.47 12.55
C LEU B 522 -3.86 -1.21 11.81
N LYS B 523 -5.01 -0.65 12.19
CA LYS B 523 -5.58 0.57 11.57
C LYS B 523 -4.63 1.76 11.79
N ASN B 524 -4.06 1.90 12.99
CA ASN B 524 -3.17 3.04 13.36
C ASN B 524 -1.82 2.90 12.66
N GLU B 525 -1.26 1.69 12.64
CA GLU B 525 0.07 1.42 12.00
C GLU B 525 -0.05 1.67 10.50
N VAL B 526 -1.15 1.24 9.86
CA VAL B 526 -1.40 1.45 8.41
C VAL B 526 -1.53 2.94 8.13
N ALA B 527 -2.17 3.71 9.01
CA ALA B 527 -2.37 5.17 8.87
C ALA B 527 -1.04 5.92 9.07
N THR B 528 -0.20 5.46 10.01
CA THR B 528 1.08 6.10 10.40
C THR B 528 2.12 6.00 9.27
N ILE B 529 2.18 4.85 8.58
CA ILE B 529 3.24 4.56 7.55
C ILE B 529 3.03 5.49 6.35
N SER B 530 4.08 6.19 5.92
CA SER B 530 4.11 6.96 4.66
C SER B 530 4.32 6.00 3.49
N TRP B 531 3.23 5.39 2.99
CA TRP B 531 3.27 4.45 1.84
C TRP B 531 3.65 5.19 0.56
N VAL B 532 4.10 4.47 -0.47
CA VAL B 532 4.38 5.04 -1.81
C VAL B 532 3.09 5.77 -2.27
N THR B 533 3.23 7.04 -2.66
CA THR B 533 2.10 7.98 -2.92
C THR B 533 1.06 7.35 -3.86
N THR B 534 1.51 6.62 -4.89
CA THR B 534 0.65 6.07 -5.97
C THR B 534 -0.20 4.89 -5.48
N ASP B 535 0.10 4.30 -4.30
CA ASP B 535 -0.54 3.03 -3.84
C ASP B 535 -0.99 3.14 -2.38
N GLN B 536 -1.37 4.34 -1.91
CA GLN B 536 -1.69 4.56 -0.47
C GLN B 536 -3.07 3.99 -0.12
N LEU B 537 -4.01 3.99 -1.07
CA LEU B 537 -5.43 3.58 -0.83
C LEU B 537 -5.60 2.07 -1.07
N ALA B 538 -4.75 1.46 -1.90
CA ALA B 538 -4.77 0.02 -2.23
C ALA B 538 -4.51 -0.81 -0.97
N VAL B 539 -3.64 -0.33 -0.08
CA VAL B 539 -3.24 -1.02 1.18
C VAL B 539 -4.45 -1.03 2.12
N ARG B 540 -5.14 0.09 2.23
CA ARG B 540 -6.31 0.19 3.13
C ARG B 540 -7.47 -0.60 2.54
N HIS B 541 -7.53 -0.71 1.22
CA HIS B 541 -8.61 -1.43 0.50
C HIS B 541 -8.43 -2.93 0.68
N ILE B 542 -7.20 -3.43 0.49
CA ILE B 542 -6.87 -4.88 0.55
C ILE B 542 -7.18 -5.40 1.96
N LEU B 543 -6.81 -4.64 2.99
CA LEU B 543 -6.88 -5.10 4.41
C LEU B 543 -8.26 -4.85 5.01
N PHE B 544 -8.93 -3.73 4.73
CA PHE B 544 -10.15 -3.40 5.50
C PHE B 544 -11.41 -3.33 4.64
N ASP B 545 -11.31 -3.22 3.31
CA ASP B 545 -12.53 -2.94 2.51
C ASP B 545 -12.95 -4.15 1.69
N LYS B 546 -12.03 -5.01 1.26
CA LYS B 546 -12.39 -6.20 0.46
C LYS B 546 -13.19 -7.15 1.36
N GLN B 547 -14.18 -7.83 0.78
CA GLN B 547 -15.08 -8.75 1.52
C GLN B 547 -14.32 -10.06 1.84
N THR B 548 -13.16 -10.30 1.22
CA THR B 548 -12.39 -11.55 1.38
C THR B 548 -10.92 -11.27 1.71
N TRP B 549 -10.31 -12.20 2.43
CA TRP B 549 -8.84 -12.28 2.67
C TRP B 549 -8.31 -13.54 2.03
N PRO B 550 -7.02 -13.61 1.63
CA PRO B 550 -6.40 -14.86 1.22
C PRO B 550 -6.20 -15.76 2.44
N PHE B 551 -6.29 -17.08 2.22
CA PHE B 551 -6.05 -18.11 3.25
C PHE B 551 -5.07 -19.15 2.71
N LYS B 552 -3.98 -19.43 3.45
CA LYS B 552 -2.99 -20.45 3.04
C LYS B 552 -3.59 -21.84 3.28
N GLN B 553 -3.76 -22.61 2.20
CA GLN B 553 -4.32 -23.98 2.23
C GLN B 553 -3.27 -24.93 2.82
N ILE B 554 -3.66 -25.71 3.83
CA ILE B 554 -2.76 -26.72 4.47
C ILE B 554 -3.34 -28.14 4.32
N LEU B 555 -4.67 -28.33 4.38
CA LEU B 555 -5.32 -29.68 4.36
C LEU B 555 -5.49 -30.16 2.91
N LEU B 556 -6.14 -29.37 2.05
CA LEU B 556 -6.59 -29.83 0.70
C LEU B 556 -5.43 -30.37 -0.13
N PRO B 557 -4.22 -29.73 -0.12
CA PRO B 557 -3.06 -30.29 -0.81
C PRO B 557 -2.58 -31.65 -0.28
N LEU B 558 -2.70 -31.90 1.04
CA LEU B 558 -2.26 -33.15 1.70
C LEU B 558 -3.16 -34.33 1.28
N LEU B 559 -4.43 -34.06 0.95
CA LEU B 559 -5.41 -35.09 0.52
C LEU B 559 -5.00 -35.66 -0.84
N TYR B 560 -4.42 -34.83 -1.72
CA TYR B 560 -3.91 -35.22 -3.06
C TYR B 560 -2.38 -35.35 -3.00
N LEU B 573 -3.34 -21.29 -2.06
CA LEU B 573 -3.87 -19.97 -1.62
C LEU B 573 -5.33 -19.83 -2.06
N THR B 574 -6.27 -19.93 -1.11
CA THR B 574 -7.74 -19.86 -1.32
C THR B 574 -8.27 -18.54 -0.73
N THR B 575 -9.60 -18.37 -0.66
CA THR B 575 -10.26 -17.13 -0.17
C THR B 575 -11.17 -17.46 1.03
N VAL B 576 -11.19 -16.58 2.02
CA VAL B 576 -12.03 -16.70 3.26
C VAL B 576 -12.61 -15.33 3.55
N PRO B 577 -13.55 -15.20 4.52
CA PRO B 577 -14.04 -13.89 4.94
C PRO B 577 -12.94 -13.00 5.55
N ASN B 578 -13.00 -11.70 5.24
CA ASN B 578 -12.11 -10.65 5.82
C ASN B 578 -12.39 -10.54 7.32
N PRO B 579 -11.41 -10.86 8.20
CA PRO B 579 -11.60 -10.76 9.65
C PRO B 579 -11.72 -9.32 10.18
N VAL B 581 -13.64 -7.17 9.07
CA VAL B 581 -15.05 -6.75 8.84
C VAL B 581 -15.86 -7.13 10.06
N THR B 582 -16.61 -6.19 10.63
CA THR B 582 -17.52 -6.46 11.76
C THR B 582 -18.93 -6.62 11.17
N TYR B 583 -19.29 -7.85 10.80
CA TYR B 583 -20.58 -8.20 10.15
C TYR B 583 -20.78 -9.72 10.18
#